data_5GNX
#
_entry.id   5GNX
#
_cell.length_a   125.247
_cell.length_b   95.697
_cell.length_c   94.976
_cell.angle_alpha   90.00
_cell.angle_beta   125.61
_cell.angle_gamma   90.00
#
_symmetry.space_group_name_H-M   'C 1 2 1'
#
loop_
_entity.id
_entity.type
_entity.pdbx_description
1 polymer Beta-glucosidase
2 non-polymer 'PROPANOIC ACID'
3 non-polymer beta-D-glucopyranose
4 non-polymer GLYCEROL
5 water water
#
_entity_poly.entity_id   1
_entity_poly.type   'polypeptide(L)'
_entity_poly.pdbx_seq_one_letter_code
;MGSMTSDTARSYRFPEGFLWGAATAAYQIEGSSMADGAGESIWDRFSHTPGNMKDGDTGDVACDHYNRWREDIELMKRLN
LQAYRFSVSWSRVIPQGRGAINPKGLAFYDRLVDGLLEAGIEPLATLYHWDLPAALDDRGGWLNPDIADWFADYGQVLFE
KFKGRVKTWGTINQPWVIVDGGYLHGALAPGHRSAYEAVIAGHNVLRAHGAAVRRFREVGEGQIGIVLNIEPKYPASDKP
EDEAARRRAEAQMNRWFLDPLMGRGYPEELTDVYGAAWREFPKEDFELIAEPTDWMGLNWYTRAVPENAPDAWPTRSRPV
RQTQHAHTETGWEVYPPALTDTLVWLSEQTGGKLPLMVTENGSAWYDPPHAIDGRIHDPMRVHYLQTHIKALHDAIGKGV
DLRGYMAWSLLDNLEWSLGYSKRFGIVHVNFATQERTIKDSGLLYAEVIKTHGDVLNTLKLHHHHHH
;
_entity_poly.pdbx_strand_id   A,B
#
loop_
_chem_comp.id
_chem_comp.type
_chem_comp.name
_chem_comp.formula
BGC D-saccharide, beta linking beta-D-glucopyranose 'C6 H12 O6'
GOL non-polymer GLYCEROL 'C3 H8 O3'
PPI non-polymer 'PROPANOIC ACID' 'C3 H6 O2'
#
# COMPACT_ATOMS: atom_id res chain seq x y z
N THR A 8 9.25 -7.09 53.05
CA THR A 8 8.54 -8.37 52.72
C THR A 8 9.52 -9.50 52.36
N ALA A 9 9.33 -10.65 52.98
CA ALA A 9 10.15 -11.84 52.69
C ALA A 9 9.53 -12.53 51.45
N ARG A 10 10.19 -12.38 50.31
CA ARG A 10 9.62 -12.80 49.03
C ARG A 10 10.34 -13.99 48.48
N SER A 11 9.58 -14.98 47.99
CA SER A 11 10.19 -16.12 47.33
C SER A 11 9.50 -16.37 45.95
N TYR A 12 10.22 -16.98 45.00
CA TYR A 12 9.82 -16.95 43.58
C TYR A 12 9.79 -18.30 42.92
N ARG A 13 9.57 -19.37 43.69
CA ARG A 13 9.41 -20.65 43.02
C ARG A 13 8.18 -20.73 42.18
N PHE A 14 8.28 -21.21 40.94
CA PHE A 14 7.13 -21.19 40.04
C PHE A 14 6.30 -22.49 40.18
N PRO A 15 5.09 -22.51 39.60
CA PRO A 15 4.24 -23.71 39.72
C PRO A 15 4.78 -24.93 39.03
N GLU A 16 4.31 -26.09 39.44
CA GLU A 16 4.71 -27.29 38.77
C GLU A 16 4.33 -27.23 37.29
N GLY A 17 5.28 -27.58 36.44
CA GLY A 17 5.00 -27.64 35.02
C GLY A 17 5.11 -26.30 34.29
N PHE A 18 5.41 -25.25 35.03
CA PHE A 18 5.58 -23.91 34.38
C PHE A 18 6.73 -24.06 33.39
N LEU A 19 6.50 -23.61 32.16
CA LEU A 19 7.37 -23.87 31.02
C LEU A 19 8.25 -22.66 30.69
N TRP A 20 9.57 -22.85 30.64
CA TRP A 20 10.50 -21.76 30.37
C TRP A 20 11.12 -21.88 28.98
N GLY A 21 11.08 -20.83 28.18
CA GLY A 21 11.74 -20.91 26.91
C GLY A 21 12.24 -19.57 26.37
N ALA A 22 12.55 -19.55 25.09
CA ALA A 22 12.94 -18.30 24.44
C ALA A 22 12.32 -18.31 23.05
N ALA A 23 12.22 -17.13 22.45
CA ALA A 23 11.44 -16.97 21.22
C ALA A 23 12.27 -16.25 20.13
N THR A 24 11.94 -16.56 18.89
CA THR A 24 12.42 -15.88 17.67
C THR A 24 11.29 -15.78 16.62
N ALA A 25 11.58 -15.14 15.50
CA ALA A 25 10.68 -15.15 14.35
C ALA A 25 11.51 -15.41 13.07
N ALA A 26 10.90 -16.05 12.08
CA ALA A 26 11.62 -16.51 10.91
C ALA A 26 12.39 -15.38 10.18
N TYR A 27 11.71 -14.30 9.83
CA TYR A 27 12.38 -13.28 9.03
C TYR A 27 13.50 -12.62 9.82
N GLN A 28 13.36 -12.56 11.14
CA GLN A 28 14.34 -11.82 11.92
C GLN A 28 15.64 -12.59 12.10
N ILE A 29 15.62 -13.91 11.90
CA ILE A 29 16.84 -14.68 12.13
C ILE A 29 17.35 -15.55 10.98
N GLU A 30 16.48 -15.96 10.05
CA GLU A 30 16.82 -17.09 9.17
C GLU A 30 17.84 -16.75 8.07
N GLY A 31 17.68 -15.59 7.42
CA GLY A 31 18.44 -15.36 6.19
C GLY A 31 17.98 -16.34 5.11
N SER A 32 18.83 -16.62 4.14
CA SER A 32 18.51 -17.60 3.05
C SER A 32 17.12 -17.37 2.46
N SER A 33 16.85 -16.13 2.06
CA SER A 33 15.49 -15.75 1.63
C SER A 33 15.04 -16.43 0.35
N MET A 34 16.02 -16.85 -0.49
CA MET A 34 15.67 -17.45 -1.77
C MET A 34 16.12 -18.89 -1.83
N ALA A 35 16.54 -19.47 -0.70
CA ALA A 35 17.11 -20.80 -0.74
C ALA A 35 16.03 -21.86 -0.95
N ASP A 36 16.41 -22.91 -1.66
CA ASP A 36 15.63 -24.13 -1.73
C ASP A 36 14.19 -23.89 -2.18
N GLY A 37 13.99 -23.02 -3.14
CA GLY A 37 12.68 -22.83 -3.68
C GLY A 37 11.73 -21.92 -2.92
N ALA A 38 12.23 -21.28 -1.86
CA ALA A 38 11.41 -20.36 -1.06
C ALA A 38 10.83 -19.26 -1.93
N GLY A 39 9.58 -18.90 -1.66
CA GLY A 39 8.91 -17.80 -2.38
C GLY A 39 9.22 -16.45 -1.74
N GLU A 40 9.03 -15.39 -2.52
CA GLU A 40 9.22 -14.03 -2.07
C GLU A 40 8.16 -13.68 -1.04
N SER A 41 8.55 -13.00 0.04
CA SER A 41 7.56 -12.49 1.06
C SER A 41 7.45 -10.99 1.01
N ILE A 42 6.44 -10.43 1.68
CA ILE A 42 6.31 -8.97 1.69
C ILE A 42 7.52 -8.31 2.33
N TRP A 43 8.25 -9.03 3.19
CA TRP A 43 9.39 -8.40 3.84
C TRP A 43 10.62 -8.42 2.96
N ASP A 44 10.72 -9.43 2.08
CA ASP A 44 11.75 -9.45 1.09
C ASP A 44 11.61 -8.18 0.22
N ARG A 45 10.39 -7.84 -0.20
CA ARG A 45 10.19 -6.66 -0.98
C ARG A 45 10.45 -5.36 -0.17
N PHE A 46 9.81 -5.27 0.98
CA PHE A 46 9.84 -4.07 1.82
C PHE A 46 11.28 -3.71 2.20
N SER A 47 12.07 -4.71 2.64
CA SER A 47 13.40 -4.42 3.08
C SER A 47 14.35 -4.01 1.93
N HIS A 48 14.00 -4.32 0.70
CA HIS A 48 14.80 -3.97 -0.43
C HIS A 48 14.29 -2.73 -1.16
N THR A 49 13.53 -1.94 -0.45
CA THR A 49 13.01 -0.66 -0.96
C THR A 49 13.72 0.44 -0.15
N PRO A 50 14.37 1.40 -0.84
CA PRO A 50 15.16 2.38 -0.12
C PRO A 50 14.34 3.23 0.82
N GLY A 51 14.90 3.57 2.00
CA GLY A 51 14.21 4.40 2.96
C GLY A 51 13.41 3.67 4.01
N ASN A 52 13.09 2.40 3.79
CA ASN A 52 12.18 1.68 4.70
C ASN A 52 12.91 1.14 5.98
N MET A 53 14.16 0.77 5.80
CA MET A 53 14.93 0.08 6.87
C MET A 53 16.08 0.95 7.37
N LYS A 54 16.25 1.00 8.69
CA LYS A 54 17.38 1.74 9.28
C LYS A 54 18.67 1.25 8.67
N ASP A 55 19.50 2.17 8.21
CA ASP A 55 20.80 1.81 7.65
C ASP A 55 20.76 0.95 6.40
N GLY A 56 19.61 0.79 5.79
CA GLY A 56 19.43 -0.12 4.68
C GLY A 56 19.58 -1.61 5.03
N ASP A 57 19.44 -1.92 6.30
CA ASP A 57 19.53 -3.31 6.75
C ASP A 57 18.43 -4.16 6.10
N THR A 58 18.72 -5.43 5.83
CA THR A 58 17.71 -6.38 5.30
C THR A 58 17.86 -7.70 6.10
N GLY A 59 16.87 -8.56 5.94
CA GLY A 59 16.98 -9.92 6.49
C GLY A 59 17.65 -10.91 5.55
N ASP A 60 18.44 -10.46 4.57
CA ASP A 60 19.01 -11.40 3.58
C ASP A 60 19.93 -12.42 4.26
N VAL A 61 20.61 -11.98 5.30
CA VAL A 61 21.48 -12.86 6.06
C VAL A 61 21.01 -13.03 7.53
N ALA A 62 20.72 -11.92 8.18
CA ALA A 62 20.25 -11.91 9.60
C ALA A 62 21.26 -12.73 10.48
N CYS A 63 20.76 -13.73 11.22
CA CYS A 63 21.62 -14.59 12.02
C CYS A 63 22.06 -15.86 11.28
N ASP A 64 21.77 -15.92 9.98
CA ASP A 64 22.11 -17.07 9.12
C ASP A 64 21.60 -18.37 9.77
N HIS A 65 20.48 -18.28 10.47
CA HIS A 65 19.94 -19.44 11.22
C HIS A 65 19.46 -20.56 10.32
N TYR A 66 19.03 -20.27 9.09
CA TYR A 66 18.63 -21.34 8.17
C TYR A 66 19.80 -22.33 8.01
N ASN A 67 21.01 -21.80 8.01
CA ASN A 67 22.20 -22.66 7.90
C ASN A 67 22.72 -23.08 9.26
N ARG A 68 22.62 -22.20 10.26
CA ARG A 68 23.30 -22.38 11.52
C ARG A 68 22.46 -22.96 12.65
N TRP A 69 21.30 -23.51 12.31
CA TRP A 69 20.30 -23.87 13.31
C TRP A 69 20.85 -24.88 14.35
N ARG A 70 21.75 -25.73 13.90
CA ARG A 70 22.28 -26.71 14.87
C ARG A 70 23.09 -26.07 15.97
N GLU A 71 23.85 -25.05 15.63
CA GLU A 71 24.58 -24.29 16.64
C GLU A 71 23.65 -23.64 17.59
N ASP A 72 22.54 -23.13 17.08
CA ASP A 72 21.61 -22.42 17.92
C ASP A 72 20.88 -23.36 18.89
N ILE A 73 20.63 -24.57 18.49
CA ILE A 73 20.07 -25.56 19.39
C ILE A 73 21.06 -25.87 20.49
N GLU A 74 22.34 -25.95 20.17
CA GLU A 74 23.34 -26.14 21.25
C GLU A 74 23.31 -24.99 22.23
N LEU A 75 23.11 -23.76 21.74
CA LEU A 75 22.96 -22.65 22.62
C LEU A 75 21.73 -22.79 23.52
N MET A 76 20.62 -23.29 22.97
CA MET A 76 19.41 -23.50 23.79
C MET A 76 19.70 -24.44 24.97
N LYS A 77 20.45 -25.48 24.67
CA LYS A 77 20.79 -26.47 25.71
C LYS A 77 21.65 -25.82 26.77
N ARG A 78 22.61 -24.99 26.38
CA ARG A 78 23.43 -24.33 27.38
C ARG A 78 22.60 -23.38 28.27
N LEU A 79 21.49 -22.83 27.72
CA LEU A 79 20.57 -22.01 28.47
C LEU A 79 19.54 -22.76 29.27
N ASN A 80 19.60 -24.10 29.20
CA ASN A 80 18.61 -24.94 29.87
C ASN A 80 17.17 -24.78 29.37
N LEU A 81 17.00 -24.29 28.14
CA LEU A 81 15.65 -24.02 27.67
C LEU A 81 14.77 -25.25 27.66
N GLN A 82 13.52 -25.10 28.05
CA GLN A 82 12.57 -26.22 28.01
C GLN A 82 11.68 -26.18 26.80
N ALA A 83 11.72 -25.02 26.12
CA ALA A 83 10.83 -24.79 24.99
C ALA A 83 11.50 -23.76 24.08
N TYR A 84 11.18 -23.84 22.78
CA TYR A 84 11.72 -22.85 21.82
C TYR A 84 10.51 -22.41 20.97
N ARG A 85 10.21 -21.13 21.03
CA ARG A 85 9.08 -20.56 20.30
C ARG A 85 9.63 -19.93 19.02
N PHE A 86 9.14 -20.42 17.87
CA PHE A 86 9.67 -19.98 16.56
C PHE A 86 8.52 -19.84 15.59
N SER A 87 8.72 -19.11 14.51
CA SER A 87 7.69 -19.05 13.49
C SER A 87 8.10 -19.81 12.24
N VAL A 88 7.09 -20.21 11.48
CA VAL A 88 7.31 -20.87 10.22
C VAL A 88 7.06 -19.83 9.11
N SER A 89 8.00 -19.72 8.20
CA SER A 89 7.81 -18.86 7.04
C SER A 89 6.84 -19.52 6.01
N TRP A 90 5.66 -18.92 5.86
CA TRP A 90 4.66 -19.39 4.92
C TRP A 90 5.27 -19.52 3.54
N SER A 91 6.01 -18.50 3.12
CA SER A 91 6.47 -18.55 1.71
C SER A 91 7.60 -19.55 1.50
N ARG A 92 8.22 -20.08 2.56
CA ARG A 92 9.12 -21.23 2.40
C ARG A 92 8.40 -22.52 2.11
N VAL A 93 7.27 -22.69 2.76
CA VAL A 93 6.51 -23.93 2.71
C VAL A 93 5.58 -23.98 1.50
N ILE A 94 4.95 -22.83 1.19
CA ILE A 94 4.01 -22.72 0.06
C ILE A 94 4.43 -21.44 -0.69
N PRO A 95 5.34 -21.59 -1.67
CA PRO A 95 6.00 -20.39 -2.20
C PRO A 95 5.06 -19.36 -2.78
N GLN A 96 3.97 -19.82 -3.38
CA GLN A 96 2.97 -18.88 -3.92
C GLN A 96 1.82 -18.64 -2.97
N GLY A 97 1.93 -19.11 -1.72
CA GLY A 97 0.92 -18.81 -0.70
C GLY A 97 -0.23 -19.82 -0.76
N ARG A 98 -0.58 -20.21 -1.99
CA ARG A 98 -1.54 -21.26 -2.29
C ARG A 98 -0.88 -22.26 -3.25
N GLY A 99 -1.48 -23.44 -3.40
CA GLY A 99 -1.00 -24.39 -4.39
C GLY A 99 0.14 -25.27 -3.91
N ALA A 100 1.19 -25.34 -4.72
CA ALA A 100 2.23 -26.33 -4.50
C ALA A 100 2.96 -26.16 -3.18
N ILE A 101 3.13 -27.24 -2.47
CA ILE A 101 3.93 -27.29 -1.27
C ILE A 101 5.39 -27.54 -1.61
N ASN A 102 6.30 -26.80 -1.02
CA ASN A 102 7.70 -26.91 -1.29
C ASN A 102 8.35 -27.87 -0.28
N PRO A 103 8.66 -29.12 -0.69
CA PRO A 103 9.14 -30.08 0.30
C PRO A 103 10.47 -29.68 0.93
N LYS A 104 11.32 -28.97 0.20
CA LYS A 104 12.66 -28.58 0.75
C LYS A 104 12.51 -27.55 1.84
N GLY A 105 11.56 -26.63 1.64
CA GLY A 105 11.30 -25.62 2.63
C GLY A 105 10.70 -26.23 3.86
N LEU A 106 9.75 -27.14 3.68
CA LEU A 106 9.11 -27.79 4.82
C LEU A 106 10.14 -28.68 5.56
N ALA A 107 11.09 -29.22 4.82
CA ALA A 107 12.13 -30.09 5.42
C ALA A 107 13.01 -29.35 6.42
N PHE A 108 13.24 -28.06 6.21
CA PHE A 108 14.03 -27.30 7.16
C PHE A 108 13.33 -27.35 8.53
N TYR A 109 12.04 -27.07 8.54
CA TYR A 109 11.28 -27.07 9.81
C TYR A 109 11.18 -28.49 10.36
N ASP A 110 11.11 -29.47 9.46
CA ASP A 110 11.05 -30.87 9.86
C ASP A 110 12.33 -31.24 10.62
N ARG A 111 13.49 -30.89 10.10
CA ARG A 111 14.78 -31.22 10.79
C ARG A 111 14.89 -30.43 12.09
N LEU A 112 14.44 -29.17 12.06
CA LEU A 112 14.53 -28.30 13.24
C LEU A 112 13.68 -28.90 14.39
N VAL A 113 12.46 -29.30 14.07
CA VAL A 113 11.54 -29.85 15.10
C VAL A 113 12.14 -31.15 15.65
N ASP A 114 12.66 -32.00 14.77
CA ASP A 114 13.30 -33.23 15.29
C ASP A 114 14.53 -32.96 16.13
N GLY A 115 15.31 -31.95 15.75
CA GLY A 115 16.47 -31.55 16.52
C GLY A 115 16.06 -31.06 17.91
N LEU A 116 14.98 -30.27 17.97
CA LEU A 116 14.49 -29.76 19.24
C LEU A 116 14.01 -30.91 20.16
N LEU A 117 13.19 -31.80 19.62
CA LEU A 117 12.70 -32.96 20.37
C LEU A 117 13.84 -33.82 20.87
N GLU A 118 14.85 -34.02 20.04
CA GLU A 118 15.97 -34.85 20.47
C GLU A 118 16.77 -34.19 21.61
N ALA A 119 16.79 -32.85 21.65
CA ALA A 119 17.42 -32.10 22.71
C ALA A 119 16.55 -31.98 23.97
N GLY A 120 15.33 -32.49 23.95
CA GLY A 120 14.42 -32.34 25.08
C GLY A 120 13.77 -30.97 25.17
N ILE A 121 13.69 -30.27 24.04
CA ILE A 121 13.10 -28.91 24.03
C ILE A 121 11.76 -28.96 23.33
N GLU A 122 10.70 -28.41 23.95
CA GLU A 122 9.39 -28.47 23.32
C GLU A 122 9.35 -27.43 22.16
N PRO A 123 8.96 -27.85 20.96
CA PRO A 123 8.79 -26.87 19.86
C PRO A 123 7.44 -26.18 19.90
N LEU A 124 7.44 -24.86 20.03
CA LEU A 124 6.23 -24.06 20.06
C LEU A 124 6.17 -23.25 18.75
N ALA A 125 5.34 -23.68 17.81
CA ALA A 125 5.34 -23.04 16.49
C ALA A 125 4.29 -21.99 16.34
N THR A 126 4.66 -20.90 15.68
CA THR A 126 3.73 -19.84 15.29
C THR A 126 3.53 -19.89 13.78
N LEU A 127 2.27 -19.92 13.33
CA LEU A 127 2.02 -19.96 11.89
C LEU A 127 2.44 -18.66 11.18
N TYR A 128 2.04 -17.53 11.75
CA TYR A 128 2.23 -16.25 11.08
C TYR A 128 2.93 -15.23 11.95
N HIS A 129 4.13 -14.85 11.55
CA HIS A 129 4.84 -13.79 12.23
C HIS A 129 5.32 -12.80 11.16
N TRP A 130 4.34 -12.30 10.43
CA TRP A 130 4.40 -11.05 9.66
C TRP A 130 4.90 -11.14 8.21
N ASP A 131 5.21 -12.33 7.76
CA ASP A 131 5.85 -12.59 6.50
C ASP A 131 4.89 -13.15 5.44
N LEU A 132 3.81 -12.46 5.14
CA LEU A 132 2.92 -12.88 4.09
C LEU A 132 3.66 -13.16 2.78
N PRO A 133 3.35 -14.28 2.08
CA PRO A 133 3.89 -14.46 0.72
C PRO A 133 3.48 -13.31 -0.20
N ALA A 134 4.42 -12.84 -1.00
CA ALA A 134 4.13 -11.72 -1.86
C ALA A 134 3.08 -12.04 -2.90
N ALA A 135 3.03 -13.30 -3.35
CA ALA A 135 1.97 -13.73 -4.26
C ALA A 135 0.58 -13.48 -3.66
N LEU A 136 0.44 -13.55 -2.33
CA LEU A 136 -0.85 -13.29 -1.73
C LEU A 136 -1.09 -11.78 -1.51
N ASP A 137 -0.02 -11.05 -1.24
CA ASP A 137 -0.13 -9.60 -1.20
C ASP A 137 -0.59 -9.04 -2.55
N ASP A 138 -0.12 -9.64 -3.63
CA ASP A 138 -0.54 -9.25 -4.98
C ASP A 138 -2.02 -9.58 -5.24
N ARG A 139 -2.66 -10.33 -4.33
CA ARG A 139 -4.07 -10.65 -4.40
C ARG A 139 -4.82 -9.97 -3.23
N GLY A 140 -4.17 -8.94 -2.66
CA GLY A 140 -4.83 -8.09 -1.66
C GLY A 140 -4.37 -8.33 -0.24
N GLY A 141 -3.65 -9.43 -0.04
CA GLY A 141 -3.17 -9.75 1.29
C GLY A 141 -4.26 -9.78 2.32
N TRP A 142 -4.03 -9.12 3.44
CA TRP A 142 -5.03 -9.14 4.53
C TRP A 142 -6.29 -8.34 4.21
N LEU A 143 -6.35 -7.65 3.06
CA LEU A 143 -7.59 -7.02 2.64
C LEU A 143 -8.55 -7.96 1.91
N ASN A 144 -8.07 -9.09 1.49
CA ASN A 144 -8.90 -10.03 0.73
C ASN A 144 -9.54 -11.03 1.68
N PRO A 145 -10.86 -11.04 1.75
CA PRO A 145 -11.52 -11.96 2.70
C PRO A 145 -11.13 -13.42 2.50
N ASP A 146 -10.71 -13.79 1.31
CA ASP A 146 -10.32 -15.18 1.07
C ASP A 146 -9.06 -15.58 1.85
N ILE A 147 -8.34 -14.61 2.39
CA ILE A 147 -7.11 -14.91 3.12
C ILE A 147 -7.41 -15.82 4.31
N ALA A 148 -8.62 -15.77 4.86
CA ALA A 148 -8.89 -16.65 6.03
C ALA A 148 -8.78 -18.10 5.55
N ASP A 149 -9.30 -18.39 4.38
CA ASP A 149 -9.27 -19.75 3.82
C ASP A 149 -7.86 -20.12 3.41
N TRP A 150 -7.15 -19.18 2.77
CA TRP A 150 -5.76 -19.45 2.38
C TRP A 150 -4.90 -19.78 3.63
N PHE A 151 -5.13 -19.03 4.69
CA PHE A 151 -4.38 -19.24 5.93
C PHE A 151 -4.69 -20.57 6.56
N ALA A 152 -5.96 -20.92 6.62
CA ALA A 152 -6.36 -22.27 7.15
C ALA A 152 -5.73 -23.40 6.33
N ASP A 153 -5.67 -23.26 5.00
CA ASP A 153 -5.02 -24.30 4.17
C ASP A 153 -3.53 -24.42 4.46
N TYR A 154 -2.88 -23.28 4.70
CA TYR A 154 -1.49 -23.30 5.09
C TYR A 154 -1.31 -23.96 6.44
N GLY A 155 -2.14 -23.56 7.41
CA GLY A 155 -2.12 -24.20 8.75
C GLY A 155 -2.22 -25.71 8.66
N GLN A 156 -3.17 -26.19 7.86
CA GLN A 156 -3.34 -27.64 7.69
C GLN A 156 -2.08 -28.33 7.28
N VAL A 157 -1.31 -27.73 6.37
CA VAL A 157 -0.04 -28.35 5.94
C VAL A 157 0.82 -28.62 7.16
N LEU A 158 0.94 -27.62 8.02
CA LEU A 158 1.78 -27.77 9.21
C LEU A 158 1.16 -28.66 10.26
N PHE A 159 -0.13 -28.50 10.53
CA PHE A 159 -0.82 -29.35 11.55
C PHE A 159 -0.61 -30.82 11.23
N GLU A 160 -0.74 -31.18 9.95
CA GLU A 160 -0.57 -32.57 9.56
C GLU A 160 0.89 -33.03 9.57
N LYS A 161 1.80 -32.19 9.10
CA LYS A 161 3.20 -32.56 8.99
C LYS A 161 3.79 -32.79 10.37
N PHE A 162 3.38 -31.97 11.35
CA PHE A 162 4.02 -32.03 12.66
C PHE A 162 3.12 -32.66 13.70
N LYS A 163 2.11 -33.41 13.26
CA LYS A 163 1.14 -34.00 14.18
C LYS A 163 1.88 -34.92 15.18
N GLY A 164 1.64 -34.68 16.45
CA GLY A 164 2.27 -35.44 17.52
C GLY A 164 3.64 -34.95 17.93
N ARG A 165 4.19 -33.98 17.21
CA ARG A 165 5.53 -33.44 17.47
C ARG A 165 5.45 -32.02 17.96
N VAL A 166 4.78 -31.16 17.19
CA VAL A 166 4.44 -29.84 17.69
C VAL A 166 3.04 -29.94 18.27
N LYS A 167 2.91 -29.68 19.57
CA LYS A 167 1.65 -29.81 20.26
C LYS A 167 1.05 -28.52 20.77
N THR A 168 1.85 -27.45 20.78
CA THR A 168 1.34 -26.14 21.18
C THR A 168 1.52 -25.19 20.02
N TRP A 169 0.42 -24.66 19.53
CA TRP A 169 0.41 -23.89 18.31
C TRP A 169 -0.09 -22.48 18.53
N GLY A 170 0.55 -21.52 17.85
CA GLY A 170 0.05 -20.17 17.79
C GLY A 170 -0.34 -19.84 16.36
N THR A 171 -1.42 -19.09 16.22
CA THR A 171 -1.94 -18.75 14.91
C THR A 171 -1.26 -17.50 14.40
N ILE A 172 -1.68 -16.36 14.93
CA ILE A 172 -1.22 -15.04 14.51
C ILE A 172 -0.41 -14.41 15.62
N ASN A 173 0.79 -13.96 15.32
CA ASN A 173 1.56 -13.22 16.31
C ASN A 173 1.24 -11.73 16.23
N GLN A 174 0.53 -11.21 17.22
CA GLN A 174 0.29 -9.74 17.35
C GLN A 174 -0.48 -9.08 16.18
N PRO A 175 -1.76 -9.33 16.08
CA PRO A 175 -2.62 -8.66 15.08
C PRO A 175 -2.46 -7.17 15.07
N TRP A 176 -2.34 -6.55 16.25
CA TRP A 176 -2.24 -5.09 16.27
C TRP A 176 -0.98 -4.56 15.56
N VAL A 177 0.17 -5.19 15.78
CA VAL A 177 1.39 -4.76 15.09
C VAL A 177 1.29 -4.98 13.59
N ILE A 178 0.75 -6.13 13.19
CA ILE A 178 0.55 -6.46 11.78
C ILE A 178 -0.28 -5.34 11.11
N VAL A 179 -1.35 -4.94 11.74
CA VAL A 179 -2.30 -4.00 11.14
C VAL A 179 -1.94 -2.56 11.39
N ASP A 180 -1.62 -2.22 12.64
CA ASP A 180 -1.24 -0.84 12.95
C ASP A 180 0.04 -0.43 12.20
N GLY A 181 1.04 -1.30 12.18
CA GLY A 181 2.25 -1.04 11.48
C GLY A 181 2.20 -1.23 9.98
N GLY A 182 1.53 -2.28 9.51
CA GLY A 182 1.56 -2.66 8.10
C GLY A 182 0.51 -1.95 7.24
N TYR A 183 -0.63 -1.57 7.84
CA TYR A 183 -1.76 -0.99 7.09
C TYR A 183 -2.22 0.39 7.53
N LEU A 184 -2.11 0.68 8.82
CA LEU A 184 -2.57 1.97 9.31
C LEU A 184 -1.52 3.04 9.11
N HIS A 185 -0.31 2.77 9.56
CA HIS A 185 0.76 3.75 9.51
C HIS A 185 1.84 3.51 8.46
N GLY A 186 1.92 2.29 7.95
CA GLY A 186 2.90 1.95 6.92
C GLY A 186 4.33 1.79 7.30
N ALA A 187 4.68 1.69 8.58
CA ALA A 187 6.06 1.62 8.99
C ALA A 187 6.65 0.21 8.84
N LEU A 188 5.76 -0.77 8.68
CA LEU A 188 6.12 -2.16 8.49
C LEU A 188 5.49 -2.66 7.17
N ALA A 189 6.05 -3.74 6.63
CA ALA A 189 5.46 -4.40 5.47
C ALA A 189 4.00 -4.75 5.70
N PRO A 190 3.14 -4.54 4.69
CA PRO A 190 3.45 -4.16 3.30
C PRO A 190 3.47 -2.66 3.05
N GLY A 191 3.53 -1.85 4.11
CA GLY A 191 3.72 -0.39 3.93
C GLY A 191 2.53 0.40 3.44
N HIS A 192 1.33 0.02 3.82
CA HIS A 192 0.15 0.83 3.50
C HIS A 192 -0.15 1.80 4.63
N ARG A 193 -0.78 2.93 4.29
CA ARG A 193 -1.18 3.89 5.28
C ARG A 193 -2.64 4.34 5.02
N SER A 194 -3.58 3.70 5.70
CA SER A 194 -5.00 3.90 5.45
C SER A 194 -5.85 3.38 6.64
N ALA A 195 -6.70 4.21 7.22
CA ALA A 195 -7.62 3.72 8.24
C ALA A 195 -8.63 2.76 7.63
N TYR A 196 -9.01 2.98 6.36
CA TYR A 196 -9.99 2.15 5.70
C TYR A 196 -9.46 0.75 5.59
N GLU A 197 -8.21 0.64 5.16
CA GLU A 197 -7.59 -0.64 5.04
C GLU A 197 -7.33 -1.24 6.39
N ALA A 198 -6.95 -0.44 7.37
CA ALA A 198 -6.61 -1.02 8.69
C ALA A 198 -7.85 -1.72 9.29
N VAL A 199 -9.03 -1.12 9.15
CA VAL A 199 -10.25 -1.69 9.66
C VAL A 199 -10.53 -3.03 9.02
N ILE A 200 -10.39 -3.09 7.71
CA ILE A 200 -10.60 -4.34 6.97
C ILE A 200 -9.54 -5.41 7.29
N ALA A 201 -8.28 -5.03 7.31
CA ALA A 201 -7.21 -5.99 7.60
C ALA A 201 -7.37 -6.59 8.97
N GLY A 202 -7.72 -5.77 9.96
CA GLY A 202 -7.87 -6.28 11.32
C GLY A 202 -8.95 -7.31 11.36
N HIS A 203 -10.01 -7.05 10.63
CA HIS A 203 -11.12 -7.99 10.61
C HIS A 203 -10.72 -9.31 9.97
N ASN A 204 -9.98 -9.25 8.86
CA ASN A 204 -9.56 -10.46 8.20
C ASN A 204 -8.49 -11.23 8.95
N VAL A 205 -7.63 -10.52 9.69
CA VAL A 205 -6.65 -11.24 10.54
C VAL A 205 -7.42 -12.05 11.58
N LEU A 206 -8.42 -11.45 12.20
CA LEU A 206 -9.25 -12.18 13.16
C LEU A 206 -9.96 -13.37 12.53
N ARG A 207 -10.54 -13.18 11.35
CA ARG A 207 -11.24 -14.25 10.66
C ARG A 207 -10.29 -15.39 10.33
N ALA A 208 -9.07 -15.05 9.91
CA ALA A 208 -8.08 -16.05 9.56
C ALA A 208 -7.67 -16.86 10.79
N HIS A 209 -7.49 -16.19 11.91
CA HIS A 209 -7.26 -16.91 13.19
C HIS A 209 -8.37 -17.94 13.44
N GLY A 210 -9.62 -17.50 13.31
CA GLY A 210 -10.77 -18.34 13.62
C GLY A 210 -10.79 -19.51 12.66
N ALA A 211 -10.50 -19.25 11.39
CA ALA A 211 -10.50 -20.32 10.38
C ALA A 211 -9.43 -21.35 10.63
N ALA A 212 -8.26 -20.90 11.09
CA ALA A 212 -7.17 -21.82 11.44
C ALA A 212 -7.53 -22.68 12.66
N VAL A 213 -8.22 -22.10 13.62
CA VAL A 213 -8.63 -22.88 14.78
C VAL A 213 -9.65 -23.92 14.36
N ARG A 214 -10.63 -23.54 13.53
CA ARG A 214 -11.59 -24.51 13.03
C ARG A 214 -10.91 -25.65 12.32
N ARG A 215 -9.89 -25.34 11.52
CA ARG A 215 -9.16 -26.35 10.77
C ARG A 215 -8.35 -27.25 11.71
N PHE A 216 -7.77 -26.64 12.72
CA PHE A 216 -7.06 -27.39 13.75
C PHE A 216 -7.96 -28.42 14.46
N ARG A 217 -9.20 -28.07 14.71
CA ARG A 217 -10.17 -29.02 15.32
C ARG A 217 -10.35 -30.22 14.37
N GLU A 218 -10.30 -29.99 13.07
CA GLU A 218 -10.54 -31.07 12.09
C GLU A 218 -9.34 -31.97 11.87
N VAL A 219 -8.12 -31.44 11.87
CA VAL A 219 -6.95 -32.19 11.45
C VAL A 219 -5.77 -32.18 12.40
N GLY A 220 -5.82 -31.34 13.45
CA GLY A 220 -4.67 -31.11 14.30
C GLY A 220 -4.71 -31.91 15.59
N GLU A 221 -3.63 -31.85 16.36
CA GLU A 221 -3.54 -32.48 17.68
C GLU A 221 -2.76 -31.56 18.60
N GLY A 222 -3.32 -31.26 19.75
CA GLY A 222 -2.68 -30.38 20.70
C GLY A 222 -3.54 -29.18 21.11
N GLN A 223 -2.87 -28.05 21.41
CA GLN A 223 -3.50 -26.84 21.89
C GLN A 223 -3.17 -25.66 20.97
N ILE A 224 -4.16 -24.89 20.62
CA ILE A 224 -4.00 -23.78 19.71
C ILE A 224 -4.52 -22.46 20.31
N GLY A 225 -3.85 -21.35 19.97
CA GLY A 225 -4.30 -20.06 20.45
C GLY A 225 -3.71 -18.90 19.64
N ILE A 226 -4.17 -17.71 19.92
CA ILE A 226 -3.62 -16.50 19.31
C ILE A 226 -2.62 -15.88 20.28
N VAL A 227 -1.76 -14.99 19.76
CA VAL A 227 -0.83 -14.21 20.57
C VAL A 227 -1.11 -12.75 20.44
N LEU A 228 -1.44 -12.07 21.54
CA LEU A 228 -1.75 -10.64 21.51
C LEU A 228 -0.66 -9.85 22.20
N ASN A 229 -0.40 -8.64 21.71
CA ASN A 229 0.43 -7.72 22.48
C ASN A 229 -0.52 -6.79 23.21
N ILE A 230 -0.19 -6.44 24.45
CA ILE A 230 -1.02 -5.50 25.20
C ILE A 230 -0.08 -4.47 25.75
N GLU A 231 -0.41 -3.20 25.63
CA GLU A 231 0.37 -2.15 26.27
C GLU A 231 -0.62 -1.34 27.15
N PRO A 232 -0.63 -1.61 28.45
CA PRO A 232 -1.66 -0.96 29.29
C PRO A 232 -1.53 0.56 29.29
N LYS A 233 -2.65 1.27 29.30
CA LYS A 233 -2.68 2.74 29.28
C LYS A 233 -3.10 3.32 30.62
N TYR A 234 -2.21 4.13 31.19
CA TYR A 234 -2.37 4.72 32.50
C TYR A 234 -2.67 6.22 32.35
N PRO A 235 -3.36 6.77 33.35
CA PRO A 235 -3.79 8.19 33.33
C PRO A 235 -2.65 9.23 33.36
N ALA A 236 -2.72 10.22 32.48
CA ALA A 236 -1.71 11.27 32.37
C ALA A 236 -2.00 12.48 33.31
N SER A 237 -3.27 12.60 33.74
CA SER A 237 -3.76 13.81 34.44
C SER A 237 -5.18 13.58 34.92
N ASP A 238 -5.80 14.59 35.52
CA ASP A 238 -7.22 14.46 35.81
C ASP A 238 -8.12 15.13 34.83
N LYS A 239 -7.57 15.56 33.71
CA LYS A 239 -8.38 16.26 32.70
C LYS A 239 -9.26 15.25 31.96
N PRO A 240 -10.54 15.57 31.80
CA PRO A 240 -11.40 14.63 31.09
C PRO A 240 -10.90 14.36 29.66
N GLU A 241 -10.31 15.35 28.98
CA GLU A 241 -9.88 15.14 27.61
C GLU A 241 -8.77 14.07 27.59
N ASP A 242 -8.02 13.96 28.69
CA ASP A 242 -6.94 12.97 28.75
C ASP A 242 -7.48 11.60 29.05
N GLU A 243 -8.55 11.51 29.84
CA GLU A 243 -9.16 10.21 30.06
C GLU A 243 -9.82 9.69 28.79
N ALA A 244 -10.44 10.59 28.02
CA ALA A 244 -11.04 10.16 26.75
C ALA A 244 -9.90 9.69 25.82
N ALA A 245 -8.78 10.37 25.86
CA ALA A 245 -7.62 9.94 25.04
C ALA A 245 -7.10 8.56 25.43
N ARG A 246 -6.98 8.35 26.73
CA ARG A 246 -6.62 7.05 27.26
C ARG A 246 -7.56 5.97 26.78
N ARG A 247 -8.86 6.20 26.86
CA ARG A 247 -9.83 5.21 26.37
C ARG A 247 -9.68 4.91 24.85
N ARG A 248 -9.52 5.93 24.02
CA ARG A 248 -9.25 5.70 22.62
C ARG A 248 -7.99 4.88 22.37
N ALA A 249 -6.92 5.21 23.06
CA ALA A 249 -5.64 4.50 22.88
C ALA A 249 -5.78 3.06 23.32
N GLU A 250 -6.42 2.88 24.45
CA GLU A 250 -6.62 1.53 24.99
C GLU A 250 -7.57 0.67 24.10
N ALA A 251 -8.62 1.26 23.57
CA ALA A 251 -9.56 0.53 22.74
C ALA A 251 -8.81 0.06 21.48
N GLN A 252 -8.07 0.97 20.87
CA GLN A 252 -7.45 0.70 19.56
C GLN A 252 -6.30 -0.29 19.69
N MET A 253 -5.59 -0.27 20.81
CA MET A 253 -4.43 -1.09 20.94
C MET A 253 -4.71 -2.40 21.65
N ASN A 254 -5.48 -2.35 22.70
CA ASN A 254 -5.64 -3.50 23.61
C ASN A 254 -6.97 -4.25 23.55
N ARG A 255 -8.02 -3.62 23.06
CA ARG A 255 -9.31 -4.25 22.99
C ARG A 255 -9.83 -4.57 21.60
N TRP A 256 -9.19 -3.97 20.58
CA TRP A 256 -9.65 -4.14 19.19
C TRP A 256 -9.78 -5.59 18.81
N PHE A 257 -8.79 -6.41 19.23
CA PHE A 257 -8.77 -7.82 18.90
C PHE A 257 -9.31 -8.66 20.03
N LEU A 258 -8.91 -8.34 21.25
CA LEU A 258 -9.35 -9.16 22.39
C LEU A 258 -10.89 -9.22 22.52
N ASP A 259 -11.59 -8.12 22.39
CA ASP A 259 -13.04 -8.14 22.65
C ASP A 259 -13.79 -9.07 21.67
N PRO A 260 -13.52 -8.91 20.32
CA PRO A 260 -14.20 -9.86 19.40
C PRO A 260 -13.76 -11.33 19.62
N LEU A 261 -12.52 -11.57 19.97
CA LEU A 261 -12.06 -12.90 20.26
C LEU A 261 -12.90 -13.52 21.39
N MET A 262 -13.30 -12.71 22.34
CA MET A 262 -14.10 -13.15 23.50
C MET A 262 -15.61 -13.01 23.27
N GLY A 263 -16.03 -12.69 22.03
CA GLY A 263 -17.43 -12.61 21.72
C GLY A 263 -18.13 -11.33 22.11
N ARG A 264 -17.34 -10.29 22.42
CA ARG A 264 -17.86 -9.00 22.89
C ARG A 264 -18.02 -7.96 21.76
N GLY A 265 -17.82 -8.39 20.54
CA GLY A 265 -17.89 -7.43 19.42
C GLY A 265 -16.69 -6.49 19.47
N TYR A 266 -16.68 -5.50 18.60
CA TYR A 266 -15.65 -4.52 18.64
C TYR A 266 -15.91 -3.43 19.68
N PRO A 267 -14.85 -2.86 20.28
CA PRO A 267 -15.03 -1.74 21.20
C PRO A 267 -15.82 -0.59 20.56
N GLU A 268 -16.79 -0.03 21.31
CA GLU A 268 -17.57 1.13 20.79
C GLU A 268 -16.68 2.32 20.45
N GLU A 269 -15.56 2.47 21.16
CA GLU A 269 -14.67 3.58 20.94
C GLU A 269 -14.08 3.60 19.50
N LEU A 270 -14.12 2.48 18.79
CA LEU A 270 -13.49 2.44 17.51
C LEU A 270 -14.29 3.24 16.48
N THR A 271 -15.56 3.51 16.73
CA THR A 271 -16.29 4.38 15.80
C THR A 271 -15.75 5.80 15.93
N ASP A 272 -15.31 6.18 17.12
CA ASP A 272 -14.74 7.49 17.35
C ASP A 272 -13.31 7.57 16.77
N VAL A 273 -12.51 6.52 16.99
CA VAL A 273 -11.13 6.50 16.45
C VAL A 273 -11.11 6.45 14.93
N TYR A 274 -11.92 5.59 14.30
CA TYR A 274 -11.76 5.36 12.87
C TYR A 274 -12.78 6.13 12.06
N GLY A 275 -13.80 6.68 12.72
CA GLY A 275 -14.73 7.56 12.03
C GLY A 275 -15.32 6.94 10.79
N ALA A 276 -15.19 7.62 9.65
CA ALA A 276 -15.85 7.20 8.45
C ALA A 276 -15.22 5.93 7.82
N ALA A 277 -14.05 5.53 8.31
CA ALA A 277 -13.41 4.28 7.88
C ALA A 277 -13.99 3.06 8.59
N TRP A 278 -14.71 3.30 9.68
CA TRP A 278 -15.30 2.18 10.44
C TRP A 278 -16.40 1.51 9.62
N ARG A 279 -16.53 0.21 9.78
CA ARG A 279 -17.47 -0.59 9.00
C ARG A 279 -18.19 -1.57 9.93
N GLU A 280 -19.43 -1.92 9.58
CA GLU A 280 -20.10 -3.02 10.26
C GLU A 280 -19.86 -4.28 9.40
N PHE A 281 -19.77 -5.42 10.07
CA PHE A 281 -19.49 -6.67 9.38
C PHE A 281 -20.59 -7.67 9.67
N PRO A 282 -20.74 -8.70 8.83
CA PRO A 282 -21.79 -9.71 9.03
C PRO A 282 -21.67 -10.44 10.37
N LYS A 283 -22.79 -10.75 11.01
CA LYS A 283 -22.77 -11.57 12.24
C LYS A 283 -22.03 -12.87 12.18
N GLU A 284 -22.09 -13.59 11.05
CA GLU A 284 -21.43 -14.89 10.97
C GLU A 284 -19.91 -14.74 11.11
N ASP A 285 -19.38 -13.58 10.74
CA ASP A 285 -17.96 -13.32 10.87
C ASP A 285 -17.55 -13.37 12.32
N PHE A 286 -18.37 -12.83 13.20
CA PHE A 286 -18.02 -12.79 14.62
C PHE A 286 -18.06 -14.16 15.22
N GLU A 287 -18.91 -15.03 14.70
CA GLU A 287 -18.95 -16.44 15.12
C GLU A 287 -17.64 -17.13 14.82
N LEU A 288 -17.13 -16.88 13.61
CA LEU A 288 -15.87 -17.41 13.18
C LEU A 288 -14.71 -16.92 14.07
N ILE A 289 -14.70 -15.62 14.29
CA ILE A 289 -13.62 -14.96 15.06
C ILE A 289 -13.51 -15.51 16.48
N ALA A 290 -14.67 -15.77 17.07
CA ALA A 290 -14.75 -16.22 18.45
C ALA A 290 -14.63 -17.73 18.65
N GLU A 291 -14.25 -18.46 17.60
CA GLU A 291 -14.01 -19.93 17.72
C GLU A 291 -13.14 -20.22 18.96
N PRO A 292 -13.62 -21.09 19.85
CA PRO A 292 -12.91 -21.31 21.13
C PRO A 292 -11.48 -21.80 20.98
N THR A 293 -10.56 -21.17 21.73
CA THR A 293 -9.16 -21.53 21.70
C THR A 293 -8.78 -22.24 22.99
N ASP A 294 -7.58 -22.81 23.02
CA ASP A 294 -7.10 -23.55 24.16
C ASP A 294 -6.23 -22.77 25.12
N TRP A 295 -5.57 -21.76 24.61
CA TRP A 295 -4.62 -20.96 25.40
C TRP A 295 -4.49 -19.63 24.71
N MET A 296 -3.88 -18.66 25.38
CA MET A 296 -3.62 -17.36 24.71
C MET A 296 -2.22 -16.87 25.10
N GLY A 297 -1.49 -16.33 24.11
CA GLY A 297 -0.18 -15.78 24.40
C GLY A 297 -0.23 -14.30 24.65
N LEU A 298 0.55 -13.81 25.61
CA LEU A 298 0.70 -12.39 25.83
C LEU A 298 2.16 -11.99 25.49
N ASN A 299 2.29 -11.06 24.54
CA ASN A 299 3.53 -10.35 24.29
C ASN A 299 3.50 -9.04 25.01
N TRP A 300 4.46 -8.80 25.91
CA TRP A 300 4.40 -7.64 26.76
C TRP A 300 5.78 -7.03 26.98
N TYR A 301 5.89 -5.71 26.85
CA TYR A 301 7.18 -5.01 27.06
C TYR A 301 7.08 -3.80 27.93
N THR A 302 5.95 -3.07 27.88
CA THR A 302 5.90 -1.77 28.52
C THR A 302 4.47 -1.27 28.69
N ARG A 303 4.31 -0.09 29.31
CA ARG A 303 3.03 0.59 29.39
C ARG A 303 3.15 1.94 28.68
N ALA A 304 2.04 2.67 28.62
CA ALA A 304 2.07 4.03 28.12
C ALA A 304 1.18 4.93 29.01
N VAL A 305 1.42 6.24 28.98
CA VAL A 305 0.64 7.20 29.72
C VAL A 305 0.10 8.25 28.74
N PRO A 306 -1.00 7.95 28.08
CA PRO A 306 -1.43 8.83 26.97
C PRO A 306 -2.11 10.11 27.41
N GLU A 307 -1.86 11.18 26.66
CA GLU A 307 -2.66 12.42 26.80
C GLU A 307 -3.33 12.74 25.49
N ASN A 308 -4.28 13.66 25.55
CA ASN A 308 -4.98 14.11 24.36
C ASN A 308 -4.02 14.79 23.37
N ALA A 309 -4.19 14.49 22.09
CA ALA A 309 -3.30 14.98 21.03
C ALA A 309 -4.11 15.03 19.74
N PRO A 310 -4.85 16.11 19.53
CA PRO A 310 -5.83 16.16 18.45
C PRO A 310 -5.29 15.91 17.07
N ASP A 311 -4.00 16.11 16.87
CA ASP A 311 -3.43 15.91 15.57
C ASP A 311 -2.77 14.54 15.38
N ALA A 312 -2.78 13.72 16.43
CA ALA A 312 -2.14 12.44 16.40
C ALA A 312 -3.07 11.36 15.82
N TRP A 313 -3.15 11.27 14.50
CA TRP A 313 -4.14 10.40 13.84
C TRP A 313 -3.80 8.91 13.96
N PRO A 314 -4.80 8.02 14.18
CA PRO A 314 -6.22 8.32 14.38
C PRO A 314 -6.68 8.30 15.85
N THR A 315 -5.83 7.90 16.81
CA THR A 315 -6.32 7.80 18.17
C THR A 315 -6.40 9.14 18.87
N ARG A 316 -5.76 10.16 18.28
CA ARG A 316 -5.71 11.49 18.92
C ARG A 316 -5.17 11.42 20.33
N SER A 317 -4.11 10.67 20.47
CA SER A 317 -3.43 10.52 21.75
C SER A 317 -1.95 10.36 21.54
N ARG A 318 -1.15 10.69 22.57
CA ARG A 318 0.30 10.49 22.49
C ARG A 318 0.81 10.23 23.89
N PRO A 319 1.83 9.41 24.01
CA PRO A 319 2.36 9.04 25.34
C PRO A 319 3.17 10.17 25.99
N VAL A 320 3.01 10.32 27.29
CA VAL A 320 3.75 11.31 28.07
C VAL A 320 5.04 10.65 28.61
N ARG A 321 6.20 11.24 28.35
CA ARG A 321 7.43 10.57 28.76
C ARG A 321 7.52 10.44 30.29
N GLN A 322 7.74 9.21 30.78
CA GLN A 322 7.81 8.97 32.22
C GLN A 322 9.28 9.03 32.72
N THR A 323 9.76 10.22 32.98
CA THR A 323 11.18 10.44 33.18
C THR A 323 11.70 9.83 34.48
N GLN A 324 10.77 9.40 35.35
CA GLN A 324 11.14 8.80 36.62
C GLN A 324 11.69 7.38 36.51
N HIS A 325 11.52 6.76 35.34
CA HIS A 325 11.93 5.37 35.16
C HIS A 325 12.91 5.20 34.03
N ALA A 326 13.63 4.09 34.05
CA ALA A 326 14.55 3.77 32.97
C ALA A 326 13.78 3.54 31.67
N HIS A 327 14.43 3.78 30.55
CA HIS A 327 13.87 3.49 29.26
C HIS A 327 14.89 2.65 28.46
N THR A 328 14.36 1.71 27.68
CA THR A 328 15.22 0.86 26.82
C THR A 328 15.69 1.60 25.58
N GLU A 329 16.49 0.92 24.75
CA GLU A 329 16.99 1.53 23.54
C GLU A 329 15.89 1.76 22.51
N THR A 330 14.74 1.08 22.64
CA THR A 330 13.61 1.35 21.78
C THR A 330 12.73 2.47 22.30
N GLY A 331 13.13 3.06 23.41
CA GLY A 331 12.36 4.15 24.01
C GLY A 331 11.23 3.73 24.89
N TRP A 332 11.24 2.47 25.35
CA TRP A 332 10.12 1.95 26.12
C TRP A 332 10.37 2.02 27.61
N GLU A 333 9.38 2.51 28.36
CA GLU A 333 9.54 2.64 29.78
C GLU A 333 9.72 1.26 30.43
N VAL A 334 10.56 1.21 31.46
CA VAL A 334 10.74 0.00 32.27
C VAL A 334 9.85 0.13 33.52
N TYR A 335 8.78 -0.68 33.59
CA TYR A 335 7.83 -0.58 34.71
C TYR A 335 7.12 -1.93 34.99
N PRO A 336 7.81 -2.83 35.69
CA PRO A 336 7.36 -4.20 35.87
C PRO A 336 6.00 -4.34 36.57
N PRO A 337 5.62 -3.41 37.48
CA PRO A 337 4.26 -3.63 38.04
C PRO A 337 3.14 -3.67 36.99
N ALA A 338 3.33 -2.96 35.87
CA ALA A 338 2.29 -2.95 34.85
C ALA A 338 2.15 -4.30 34.13
N LEU A 339 3.20 -5.14 34.18
CA LEU A 339 3.08 -6.52 33.70
C LEU A 339 2.10 -7.31 34.60
N THR A 340 2.31 -7.22 35.90
CA THR A 340 1.37 -7.85 36.83
C THR A 340 -0.05 -7.34 36.57
N ASP A 341 -0.21 -6.02 36.49
CA ASP A 341 -1.52 -5.43 36.26
C ASP A 341 -2.17 -5.94 34.98
N THR A 342 -1.39 -6.04 33.91
CA THR A 342 -1.92 -6.49 32.62
C THR A 342 -2.33 -7.92 32.66
N LEU A 343 -1.54 -8.77 33.33
CA LEU A 343 -1.88 -10.16 33.43
C LEU A 343 -3.20 -10.36 34.21
N VAL A 344 -3.37 -9.59 35.28
CA VAL A 344 -4.65 -9.61 36.01
C VAL A 344 -5.82 -9.21 35.12
N TRP A 345 -5.65 -8.09 34.46
CA TRP A 345 -6.66 -7.62 33.50
C TRP A 345 -6.97 -8.67 32.39
N LEU A 346 -5.93 -9.26 31.79
CA LEU A 346 -6.14 -10.22 30.72
C LEU A 346 -6.87 -11.46 31.22
N SER A 347 -6.52 -11.90 32.41
CA SER A 347 -7.21 -13.03 33.05
C SER A 347 -8.70 -12.68 33.24
N GLU A 348 -8.98 -11.53 33.81
CA GLU A 348 -10.38 -11.10 33.98
C GLU A 348 -11.13 -11.03 32.64
N GLN A 349 -10.47 -10.43 31.66
CA GLN A 349 -11.08 -10.15 30.36
C GLN A 349 -11.13 -11.37 29.47
N THR A 350 -10.62 -12.50 29.95
CA THR A 350 -10.79 -13.79 29.27
C THR A 350 -11.61 -14.77 30.13
N GLY A 351 -12.14 -14.28 31.25
CA GLY A 351 -13.00 -15.10 32.12
C GLY A 351 -12.32 -15.97 33.11
N GLY A 352 -10.99 -15.93 33.13
CA GLY A 352 -10.16 -16.67 34.08
C GLY A 352 -9.98 -18.13 33.77
N LYS A 353 -10.58 -18.56 32.67
CA LYS A 353 -10.61 -19.97 32.31
C LYS A 353 -9.79 -20.28 31.06
N LEU A 354 -9.02 -19.32 30.58
CA LEU A 354 -8.21 -19.53 29.39
C LEU A 354 -6.74 -19.53 29.84
N PRO A 355 -6.06 -20.66 29.76
CA PRO A 355 -4.62 -20.67 30.14
C PRO A 355 -3.82 -19.60 29.35
N LEU A 356 -2.96 -18.87 30.04
CA LEU A 356 -2.11 -17.83 29.43
C LEU A 356 -0.67 -18.25 29.46
N MET A 357 0.13 -17.75 28.50
CA MET A 357 1.59 -17.84 28.56
C MET A 357 2.14 -16.47 28.12
N VAL A 358 3.21 -16.04 28.75
CA VAL A 358 3.91 -14.87 28.23
C VAL A 358 4.82 -15.41 27.14
N THR A 359 4.47 -15.10 25.91
CA THR A 359 5.14 -15.65 24.77
C THR A 359 6.26 -14.76 24.25
N GLU A 360 6.28 -13.49 24.67
CA GLU A 360 7.43 -12.61 24.46
C GLU A 360 7.52 -11.59 25.56
N ASN A 361 8.72 -11.46 26.12
CA ASN A 361 9.00 -10.38 27.04
C ASN A 361 10.51 -10.23 27.03
N GLY A 362 11.00 -8.99 27.07
CA GLY A 362 12.45 -8.79 26.98
C GLY A 362 12.76 -7.33 26.77
N SER A 363 14.03 -7.00 26.50
CA SER A 363 14.41 -5.61 26.43
C SER A 363 15.66 -5.41 25.57
N ALA A 364 15.69 -4.25 24.94
CA ALA A 364 16.80 -3.81 24.09
C ALA A 364 17.66 -2.80 24.80
N TRP A 365 18.98 -3.03 24.78
CA TRP A 365 19.96 -2.14 25.39
C TRP A 365 21.15 -2.15 24.44
N TYR A 366 21.98 -1.12 24.48
CA TYR A 366 23.16 -1.13 23.64
C TYR A 366 24.12 -2.24 24.09
N ASP A 367 24.62 -3.04 23.16
CA ASP A 367 25.74 -3.94 23.43
C ASP A 367 26.79 -3.61 22.37
N PRO A 368 28.09 -3.78 22.67
CA PRO A 368 29.12 -3.58 21.62
C PRO A 368 28.91 -4.60 20.49
N PRO A 369 29.48 -4.34 19.30
CA PRO A 369 29.19 -5.22 18.15
C PRO A 369 29.96 -6.57 18.22
N HIS A 370 30.91 -6.65 19.12
CA HIS A 370 31.66 -7.88 19.37
C HIS A 370 31.75 -8.15 20.87
N ALA A 371 31.92 -9.40 21.26
CA ALA A 371 32.16 -9.76 22.66
C ALA A 371 33.46 -9.16 23.13
N ILE A 372 33.54 -8.90 24.45
CA ILE A 372 34.75 -8.37 25.06
C ILE A 372 35.24 -9.44 26.03
N ASP A 373 36.37 -10.03 25.68
CA ASP A 373 36.94 -11.19 26.42
C ASP A 373 35.91 -12.30 26.62
N GLY A 374 35.13 -12.57 25.56
CA GLY A 374 34.25 -13.69 25.55
C GLY A 374 32.99 -13.46 26.33
N ARG A 375 32.73 -12.21 26.70
CA ARG A 375 31.55 -11.88 27.48
C ARG A 375 30.79 -10.68 26.90
N ILE A 376 29.52 -10.58 27.28
CA ILE A 376 28.72 -9.39 27.05
C ILE A 376 28.03 -9.08 28.36
N HIS A 377 28.46 -8.00 29.01
CA HIS A 377 27.88 -7.57 30.29
C HIS A 377 26.74 -6.61 30.05
N ASP A 378 25.51 -7.06 30.34
CA ASP A 378 24.31 -6.30 30.02
C ASP A 378 23.42 -6.14 31.25
N PRO A 379 23.91 -5.36 32.23
CA PRO A 379 23.22 -5.31 33.54
C PRO A 379 21.81 -4.75 33.46
N MET A 380 21.49 -3.84 32.54
CA MET A 380 20.12 -3.39 32.51
C MET A 380 19.20 -4.45 31.94
N ARG A 381 19.72 -5.26 31.03
CA ARG A 381 18.90 -6.34 30.45
C ARG A 381 18.69 -7.43 31.53
N VAL A 382 19.73 -7.65 32.31
CA VAL A 382 19.66 -8.55 33.50
C VAL A 382 18.59 -8.03 34.49
N HIS A 383 18.65 -6.74 34.80
CA HIS A 383 17.68 -6.11 35.70
C HIS A 383 16.26 -6.27 35.19
N TYR A 384 16.06 -5.98 33.91
CA TYR A 384 14.76 -6.07 33.32
C TYR A 384 14.20 -7.52 33.44
N LEU A 385 15.07 -8.44 33.13
CA LEU A 385 14.72 -9.84 33.13
C LEU A 385 14.25 -10.25 34.52
N GLN A 386 15.07 -10.00 35.52
CA GLN A 386 14.75 -10.55 36.82
C GLN A 386 13.54 -9.84 37.41
N THR A 387 13.38 -8.52 37.20
CA THR A 387 12.21 -7.83 37.77
C THR A 387 10.91 -8.23 37.06
N HIS A 388 10.96 -8.50 35.76
CA HIS A 388 9.75 -8.91 35.04
C HIS A 388 9.37 -10.37 35.32
N ILE A 389 10.37 -11.21 35.52
CA ILE A 389 10.04 -12.60 35.93
C ILE A 389 9.37 -12.55 37.34
N LYS A 390 9.89 -11.73 38.24
CA LYS A 390 9.23 -11.57 39.56
C LYS A 390 7.76 -11.09 39.43
N ALA A 391 7.53 -10.14 38.54
CA ALA A 391 6.21 -9.64 38.30
C ALA A 391 5.25 -10.71 37.79
N LEU A 392 5.75 -11.67 37.02
CA LEU A 392 4.95 -12.82 36.60
C LEU A 392 4.50 -13.58 37.83
N HIS A 393 5.45 -13.82 38.73
CA HIS A 393 5.17 -14.60 39.94
C HIS A 393 4.10 -13.88 40.77
N ASP A 394 4.18 -12.55 40.85
CA ASP A 394 3.18 -11.76 41.55
C ASP A 394 1.77 -11.98 40.91
N ALA A 395 1.70 -12.07 39.58
CA ALA A 395 0.42 -12.28 38.90
C ALA A 395 -0.16 -13.64 39.23
N ILE A 396 0.69 -14.66 39.21
CA ILE A 396 0.25 -16.01 39.59
C ILE A 396 -0.33 -15.99 40.99
N GLY A 397 0.30 -15.24 41.87
CA GLY A 397 -0.21 -15.08 43.24
C GLY A 397 -1.53 -14.39 43.38
N LYS A 398 -1.97 -13.67 42.33
CA LYS A 398 -3.25 -13.02 42.31
C LYS A 398 -4.30 -13.86 41.62
N GLY A 399 -3.95 -15.07 41.27
CA GLY A 399 -4.86 -16.02 40.66
C GLY A 399 -4.84 -16.18 39.16
N VAL A 400 -3.87 -15.54 38.49
CA VAL A 400 -3.78 -15.68 37.04
C VAL A 400 -3.25 -17.05 36.63
N ASP A 401 -3.92 -17.71 35.69
CA ASP A 401 -3.50 -19.03 35.25
C ASP A 401 -2.41 -18.93 34.16
N LEU A 402 -1.21 -18.59 34.59
CA LEU A 402 -0.05 -18.44 33.71
C LEU A 402 0.76 -19.73 33.70
N ARG A 403 1.08 -20.22 32.51
CA ARG A 403 1.71 -21.51 32.35
C ARG A 403 3.11 -21.52 31.74
N GLY A 404 3.62 -20.35 31.41
CA GLY A 404 4.97 -20.29 30.91
C GLY A 404 5.43 -18.89 30.57
N TYR A 405 6.71 -18.81 30.21
CA TYR A 405 7.38 -17.55 29.89
C TYR A 405 8.43 -17.84 28.84
N MET A 406 8.37 -17.09 27.73
CA MET A 406 9.39 -17.16 26.64
C MET A 406 10.13 -15.82 26.55
N ALA A 407 11.44 -15.85 26.73
CA ALA A 407 12.21 -14.62 26.60
C ALA A 407 12.30 -14.17 25.15
N TRP A 408 11.96 -12.91 24.88
CA TRP A 408 12.27 -12.32 23.54
C TRP A 408 13.60 -11.61 23.70
N SER A 409 14.66 -12.04 23.02
CA SER A 409 14.72 -13.09 22.03
C SER A 409 15.88 -14.01 22.38
N LEU A 410 15.89 -15.21 21.83
CA LEU A 410 17.04 -16.10 22.00
C LEU A 410 18.30 -15.38 21.48
N LEU A 411 18.18 -14.71 20.33
CA LEU A 411 19.30 -14.15 19.63
C LEU A 411 19.10 -12.70 19.29
N ASP A 412 20.16 -11.90 19.31
CA ASP A 412 20.09 -10.58 18.67
C ASP A 412 19.69 -10.84 17.23
N ASN A 413 18.86 -9.95 16.66
CA ASN A 413 18.31 -10.22 15.37
C ASN A 413 17.86 -8.97 14.65
N LEU A 414 17.27 -9.11 13.48
CA LEU A 414 16.80 -7.94 12.75
C LEU A 414 15.50 -7.41 13.41
N GLU A 415 15.56 -6.23 14.01
CA GLU A 415 14.37 -5.65 14.64
C GLU A 415 13.55 -4.92 13.58
N TRP A 416 13.09 -5.69 12.60
CA TRP A 416 12.24 -5.14 11.53
C TRP A 416 12.83 -3.83 10.97
N SER A 417 12.01 -2.78 10.90
N SER A 417 12.01 -2.77 10.89
CA SER A 417 12.44 -1.56 10.22
CA SER A 417 12.43 -1.54 10.23
C SER A 417 13.49 -0.77 11.00
C SER A 417 13.54 -0.82 10.98
N LEU A 418 13.73 -1.17 12.26
CA LEU A 418 14.78 -0.58 13.07
C LEU A 418 16.12 -1.27 12.82
N GLY A 419 16.09 -2.37 12.10
CA GLY A 419 17.31 -3.04 11.67
C GLY A 419 18.06 -3.73 12.81
N TYR A 420 19.35 -3.89 12.67
CA TYR A 420 20.17 -4.70 13.61
C TYR A 420 20.57 -3.84 14.81
N SER A 421 20.16 -2.58 14.82
CA SER A 421 20.58 -1.61 15.85
C SER A 421 19.92 -1.85 17.21
N LYS A 422 18.82 -2.58 17.24
CA LYS A 422 18.13 -2.79 18.50
C LYS A 422 18.31 -4.26 18.87
N ARG A 423 19.11 -4.51 19.87
CA ARG A 423 19.41 -5.87 20.31
C ARG A 423 18.54 -6.37 21.45
N PHE A 424 17.72 -7.41 21.19
CA PHE A 424 16.89 -8.02 22.22
C PHE A 424 17.42 -9.38 22.70
N GLY A 425 18.53 -9.84 22.17
CA GLY A 425 19.01 -11.18 22.49
C GLY A 425 19.45 -11.34 23.92
N ILE A 426 19.21 -12.51 24.50
CA ILE A 426 19.94 -12.98 25.67
C ILE A 426 21.23 -13.70 25.25
N VAL A 427 21.35 -13.97 23.96
CA VAL A 427 22.61 -14.40 23.31
C VAL A 427 22.98 -13.30 22.32
N HIS A 428 24.22 -12.84 22.41
CA HIS A 428 24.74 -11.81 21.52
C HIS A 428 25.09 -12.42 20.18
N VAL A 429 24.77 -11.72 19.09
CA VAL A 429 25.27 -12.15 17.77
C VAL A 429 26.13 -11.04 17.22
N ASN A 430 27.36 -11.40 16.87
CA ASN A 430 28.28 -10.50 16.15
C ASN A 430 27.91 -10.59 14.68
N PHE A 431 27.22 -9.57 14.15
CA PHE A 431 26.74 -9.74 12.80
C PHE A 431 27.85 -9.69 11.78
N ALA A 432 29.02 -9.21 12.17
CA ALA A 432 30.16 -9.22 11.24
C ALA A 432 30.80 -10.60 11.13
N THR A 433 30.61 -11.45 12.12
CA THR A 433 31.30 -12.76 12.17
C THR A 433 30.41 -13.97 12.38
N GLN A 434 29.14 -13.72 12.74
CA GLN A 434 28.15 -14.70 13.13
C GLN A 434 28.51 -15.44 14.44
N GLU A 435 29.51 -14.97 15.15
CA GLU A 435 29.82 -15.55 16.46
C GLU A 435 28.69 -15.26 17.48
N ARG A 436 28.27 -16.29 18.20
CA ARG A 436 27.29 -16.13 19.31
C ARG A 436 27.98 -16.16 20.65
N THR A 437 27.56 -15.27 21.55
CA THR A 437 28.14 -15.17 22.88
C THR A 437 26.99 -15.01 23.88
N ILE A 438 26.86 -15.89 24.87
CA ILE A 438 25.72 -15.79 25.78
C ILE A 438 25.93 -14.55 26.64
N LYS A 439 24.97 -13.70 26.81
CA LYS A 439 25.11 -12.49 27.57
C LYS A 439 24.90 -12.77 29.09
N ASP A 440 25.25 -11.84 29.94
CA ASP A 440 24.99 -12.05 31.37
C ASP A 440 23.51 -12.30 31.62
N SER A 441 22.63 -11.67 30.84
CA SER A 441 21.21 -11.93 30.93
C SER A 441 20.87 -13.37 30.62
N GLY A 442 21.48 -13.94 29.58
CA GLY A 442 21.26 -15.36 29.29
C GLY A 442 21.81 -16.24 30.39
N LEU A 443 22.95 -15.85 30.98
CA LEU A 443 23.53 -16.69 32.04
C LEU A 443 22.61 -16.72 33.27
N LEU A 444 22.00 -15.58 33.60
CA LEU A 444 21.04 -15.53 34.71
C LEU A 444 19.83 -16.34 34.33
N TYR A 445 19.28 -16.11 33.13
CA TYR A 445 18.10 -16.85 32.72
C TYR A 445 18.29 -18.35 32.86
N ALA A 446 19.44 -18.87 32.46
CA ALA A 446 19.72 -20.31 32.56
C ALA A 446 19.56 -20.79 34.03
N GLU A 447 20.00 -19.95 34.94
CA GLU A 447 19.90 -20.29 36.39
C GLU A 447 18.50 -20.14 36.89
N VAL A 448 17.75 -19.17 36.38
CA VAL A 448 16.35 -19.07 36.73
C VAL A 448 15.64 -20.37 36.37
N ILE A 449 15.88 -20.88 35.17
CA ILE A 449 15.23 -22.08 34.73
C ILE A 449 15.69 -23.25 35.63
N LYS A 450 16.96 -23.33 35.85
CA LYS A 450 17.51 -24.54 36.57
C LYS A 450 16.89 -24.59 37.97
N THR A 451 16.68 -23.44 38.58
CA THR A 451 16.22 -23.36 39.96
C THR A 451 14.74 -23.12 40.04
N HIS A 452 14.09 -23.13 38.87
CA HIS A 452 12.65 -22.86 38.77
C HIS A 452 12.23 -21.62 39.56
N GLY A 453 13.06 -20.58 39.51
CA GLY A 453 12.75 -19.31 40.11
C GLY A 453 13.51 -19.00 41.40
N ASP A 454 13.99 -20.04 42.08
CA ASP A 454 14.56 -19.89 43.42
C ASP A 454 15.72 -18.91 43.48
N VAL A 455 16.51 -18.83 42.39
CA VAL A 455 17.67 -17.95 42.33
C VAL A 455 17.27 -16.51 42.58
N LEU A 456 16.01 -16.17 42.27
CA LEU A 456 15.56 -14.77 42.37
C LEU A 456 15.31 -14.39 43.85
N ASN A 457 15.34 -15.37 44.73
CA ASN A 457 15.02 -15.14 46.15
C ASN A 457 16.15 -14.26 46.74
N THR A 458 17.40 -14.53 46.33
CA THR A 458 18.65 -13.92 46.86
C THR A 458 19.28 -12.85 45.92
N ARG B 10 1.46 33.25 -42.39
CA ARG B 10 1.19 31.85 -41.99
C ARG B 10 -0.33 31.63 -41.74
N SER B 11 -0.89 30.64 -42.42
CA SER B 11 -2.27 30.19 -42.18
C SER B 11 -2.22 29.09 -41.10
N TYR B 12 -3.08 29.20 -40.11
CA TYR B 12 -3.20 28.11 -39.12
C TYR B 12 -4.52 27.36 -39.26
N ARG B 13 -5.08 27.32 -40.49
CA ARG B 13 -6.28 26.54 -40.69
C ARG B 13 -6.00 25.05 -40.56
N PHE B 14 -6.83 24.34 -39.80
CA PHE B 14 -6.57 22.94 -39.56
C PHE B 14 -7.23 22.05 -40.65
N PRO B 15 -6.88 20.76 -40.68
CA PRO B 15 -7.40 19.88 -41.72
C PRO B 15 -8.91 19.70 -41.61
N GLU B 16 -9.51 19.35 -42.74
CA GLU B 16 -10.93 18.96 -42.75
C GLU B 16 -11.17 17.85 -41.74
N GLY B 17 -12.20 18.03 -40.93
CA GLY B 17 -12.61 17.01 -39.97
C GLY B 17 -11.83 16.97 -38.64
N PHE B 18 -10.81 17.82 -38.53
CA PHE B 18 -10.05 17.95 -37.26
C PHE B 18 -11.02 18.26 -36.14
N LEU B 19 -10.98 17.49 -35.06
CA LEU B 19 -11.98 17.57 -34.03
C LEU B 19 -11.51 18.35 -32.81
N TRP B 20 -12.28 19.34 -32.37
CA TRP B 20 -11.92 20.18 -31.22
C TRP B 20 -12.79 19.88 -30.02
N GLY B 21 -12.19 19.62 -28.86
CA GLY B 21 -12.95 19.44 -27.66
C GLY B 21 -12.26 19.85 -26.37
N ALA B 22 -12.83 19.38 -25.24
CA ALA B 22 -12.23 19.64 -23.94
C ALA B 22 -12.40 18.35 -23.11
N ALA B 23 -11.60 18.20 -22.08
CA ALA B 23 -11.51 16.94 -21.37
C ALA B 23 -11.66 17.15 -19.85
N THR B 24 -12.17 16.12 -19.18
CA THR B 24 -12.25 16.03 -17.74
C THR B 24 -12.03 14.59 -17.31
N ALA B 25 -12.05 14.36 -16.01
CA ALA B 25 -12.02 12.99 -15.45
C ALA B 25 -13.05 12.91 -14.32
N ALA B 26 -13.62 11.71 -14.10
CA ALA B 26 -14.75 11.54 -13.17
C ALA B 26 -14.42 12.00 -11.74
N TYR B 27 -13.34 11.50 -11.15
CA TYR B 27 -13.06 11.85 -9.76
C TYR B 27 -12.77 13.35 -9.61
N GLN B 28 -12.22 13.95 -10.66
CA GLN B 28 -11.79 15.34 -10.55
C GLN B 28 -12.94 16.32 -10.61
N ILE B 29 -14.10 15.93 -11.16
CA ILE B 29 -15.18 16.86 -11.27
C ILE B 29 -16.51 16.45 -10.66
N GLU B 30 -16.76 15.16 -10.46
CA GLU B 30 -18.17 14.75 -10.29
C GLU B 30 -18.74 15.04 -8.93
N GLY B 31 -17.95 14.84 -7.86
CA GLY B 31 -18.50 14.83 -6.52
C GLY B 31 -19.50 13.68 -6.38
N SER B 32 -20.49 13.85 -5.48
CA SER B 32 -21.52 12.82 -5.32
C SER B 32 -20.94 11.41 -5.19
N SER B 33 -19.98 11.26 -4.29
CA SER B 33 -19.19 10.04 -4.24
C SER B 33 -19.97 8.81 -3.77
N MET B 34 -21.07 9.03 -3.03
CA MET B 34 -21.91 7.92 -2.56
C MET B 34 -23.26 7.83 -3.21
N ALA B 35 -23.55 8.75 -4.11
CA ALA B 35 -24.85 8.88 -4.67
C ALA B 35 -25.28 7.66 -5.47
N ASP B 36 -26.58 7.35 -5.42
CA ASP B 36 -27.15 6.36 -6.31
C ASP B 36 -26.46 5.03 -6.24
N GLY B 37 -26.03 4.65 -5.05
CA GLY B 37 -25.49 3.32 -4.83
C GLY B 37 -24.08 3.09 -5.39
N ALA B 38 -23.40 4.17 -5.76
CA ALA B 38 -21.98 4.11 -6.14
C ALA B 38 -21.14 3.43 -5.08
N GLY B 39 -20.19 2.59 -5.52
CA GLY B 39 -19.21 1.95 -4.65
C GLY B 39 -18.04 2.87 -4.29
N GLU B 40 -17.36 2.54 -3.20
CA GLU B 40 -16.16 3.24 -2.78
C GLU B 40 -15.00 2.98 -3.79
N SER B 41 -14.27 4.04 -4.16
CA SER B 41 -13.05 3.90 -5.02
C SER B 41 -11.78 4.06 -4.19
N ILE B 42 -10.61 3.72 -4.77
CA ILE B 42 -9.37 3.99 -4.10
C ILE B 42 -9.15 5.46 -3.77
N TRP B 43 -9.74 6.38 -4.54
CA TRP B 43 -9.54 7.78 -4.30
C TRP B 43 -10.43 8.29 -3.17
N ASP B 44 -11.59 7.68 -2.98
CA ASP B 44 -12.41 7.98 -1.82
C ASP B 44 -11.59 7.69 -0.54
N ARG B 45 -10.91 6.55 -0.50
CA ARG B 45 -10.10 6.26 0.65
C ARG B 45 -8.88 7.19 0.80
N PHE B 46 -8.11 7.29 -0.28
CA PHE B 46 -6.87 8.02 -0.30
C PHE B 46 -7.08 9.48 0.08
N SER B 47 -8.14 10.11 -0.42
CA SER B 47 -8.29 11.53 -0.20
C SER B 47 -8.76 11.82 1.22
N HIS B 48 -9.27 10.81 1.92
CA HIS B 48 -9.70 11.01 3.32
C HIS B 48 -8.69 10.51 4.32
N THR B 49 -7.46 10.38 3.90
CA THR B 49 -6.37 10.00 4.78
C THR B 49 -5.51 11.25 4.99
N PRO B 50 -5.27 11.65 6.25
CA PRO B 50 -4.54 12.93 6.46
C PRO B 50 -3.13 12.91 5.95
N GLY B 51 -2.71 14.01 5.34
CA GLY B 51 -1.38 14.11 4.86
C GLY B 51 -1.26 13.85 3.37
N ASN B 52 -2.24 13.17 2.78
CA ASN B 52 -2.17 12.75 1.39
C ASN B 52 -2.51 13.89 0.40
N MET B 53 -3.44 14.77 0.79
CA MET B 53 -3.97 15.78 -0.15
C MET B 53 -3.58 17.19 0.32
N LYS B 54 -3.13 18.04 -0.59
CA LYS B 54 -2.87 19.44 -0.27
C LYS B 54 -4.11 20.05 0.40
N ASP B 55 -3.89 20.68 1.54
CA ASP B 55 -4.96 21.34 2.31
C ASP B 55 -6.10 20.44 2.77
N GLY B 56 -5.91 19.13 2.73
CA GLY B 56 -6.90 18.19 3.10
C GLY B 56 -8.07 18.19 2.10
N ASP B 57 -7.83 18.70 0.90
CA ASP B 57 -8.86 18.72 -0.14
C ASP B 57 -9.31 17.29 -0.49
N THR B 58 -10.59 17.11 -0.81
CA THR B 58 -11.08 15.80 -1.32
C THR B 58 -11.95 16.02 -2.54
N GLY B 59 -12.27 14.94 -3.26
CA GLY B 59 -13.27 15.01 -4.33
C GLY B 59 -14.71 14.79 -3.91
N ASP B 60 -15.04 14.98 -2.63
CA ASP B 60 -16.42 14.75 -2.23
C ASP B 60 -17.41 15.65 -2.93
N VAL B 61 -17.01 16.89 -3.20
CA VAL B 61 -17.88 17.80 -3.93
C VAL B 61 -17.29 18.15 -5.29
N ALA B 62 -16.01 18.57 -5.33
CA ALA B 62 -15.36 18.91 -6.60
C ALA B 62 -16.17 19.97 -7.35
N CYS B 63 -16.46 19.74 -8.62
CA CYS B 63 -17.31 20.69 -9.38
C CYS B 63 -18.78 20.34 -9.33
N ASP B 64 -19.16 19.36 -8.49
CA ASP B 64 -20.56 18.97 -8.36
C ASP B 64 -21.17 18.61 -9.71
N HIS B 65 -20.35 18.04 -10.60
CA HIS B 65 -20.78 17.85 -11.99
C HIS B 65 -21.82 16.74 -12.11
N TYR B 66 -21.79 15.73 -11.21
CA TYR B 66 -22.82 14.70 -11.21
C TYR B 66 -24.24 15.34 -11.13
N ASN B 67 -24.36 16.41 -10.36
CA ASN B 67 -25.63 17.15 -10.23
C ASN B 67 -25.76 18.28 -11.20
N ARG B 68 -24.66 18.83 -11.69
CA ARG B 68 -24.70 20.02 -12.55
C ARG B 68 -24.43 19.77 -14.03
N TRP B 69 -24.53 18.53 -14.47
CA TRP B 69 -24.15 18.17 -15.85
C TRP B 69 -24.92 18.94 -16.93
N ARG B 70 -26.20 19.23 -16.67
CA ARG B 70 -26.97 19.98 -17.66
C ARG B 70 -26.37 21.34 -17.95
N GLU B 71 -26.05 22.09 -16.89
CA GLU B 71 -25.45 23.39 -17.04
C GLU B 71 -24.10 23.25 -17.75
N ASP B 72 -23.37 22.18 -17.45
CA ASP B 72 -22.04 22.06 -18.03
C ASP B 72 -22.14 21.77 -19.53
N ILE B 73 -23.19 21.06 -19.97
CA ILE B 73 -23.32 20.86 -21.38
C ILE B 73 -23.67 22.21 -22.06
N GLU B 74 -24.47 23.04 -21.42
CA GLU B 74 -24.69 24.38 -21.98
C GLU B 74 -23.41 25.18 -22.11
N LEU B 75 -22.51 25.05 -21.16
CA LEU B 75 -21.21 25.70 -21.25
C LEU B 75 -20.40 25.20 -22.42
N MET B 76 -20.45 23.87 -22.65
CA MET B 76 -19.77 23.31 -23.81
C MET B 76 -20.24 23.93 -25.11
N LYS B 77 -21.53 24.11 -25.22
CA LYS B 77 -22.08 24.73 -26.42
C LYS B 77 -21.62 26.16 -26.58
N ARG B 78 -21.58 26.91 -25.46
CA ARG B 78 -21.03 28.30 -25.51
C ARG B 78 -19.60 28.37 -25.98
N LEU B 79 -18.81 27.31 -25.68
CA LEU B 79 -17.43 27.19 -26.14
C LEU B 79 -17.27 26.61 -27.54
N ASN B 80 -18.39 26.27 -28.18
CA ASN B 80 -18.41 25.70 -29.54
C ASN B 80 -17.77 24.30 -29.59
N LEU B 81 -17.70 23.62 -28.45
CA LEU B 81 -17.02 22.33 -28.46
C LEU B 81 -17.65 21.34 -29.42
N GLN B 82 -16.84 20.56 -30.12
CA GLN B 82 -17.30 19.52 -31.04
C GLN B 82 -17.25 18.13 -30.41
N ALA B 83 -16.58 18.03 -29.29
CA ALA B 83 -16.37 16.75 -28.61
C ALA B 83 -16.16 17.02 -27.16
N TYR B 84 -16.54 16.06 -26.31
CA TYR B 84 -16.24 16.18 -24.90
C TYR B 84 -15.64 14.84 -24.43
N ARG B 85 -14.45 14.92 -23.90
CA ARG B 85 -13.74 13.71 -23.42
C ARG B 85 -13.89 13.60 -21.91
N PHE B 86 -14.40 12.47 -21.43
CA PHE B 86 -14.75 12.32 -20.05
C PHE B 86 -14.43 10.89 -19.64
N SER B 87 -14.30 10.65 -18.37
CA SER B 87 -14.16 9.28 -17.91
C SER B 87 -15.40 8.78 -17.19
N VAL B 88 -15.53 7.45 -17.20
CA VAL B 88 -16.59 6.77 -16.50
C VAL B 88 -16.05 6.20 -15.20
N SER B 89 -16.71 6.48 -14.11
CA SER B 89 -16.30 5.92 -12.81
C SER B 89 -16.73 4.46 -12.70
N TRP B 90 -15.75 3.56 -12.72
CA TRP B 90 -15.97 2.13 -12.59
C TRP B 90 -16.85 1.82 -11.36
N SER B 91 -16.54 2.48 -10.23
N SER B 91 -16.57 2.44 -10.21
CA SER B 91 -17.23 2.28 -8.96
CA SER B 91 -17.30 2.11 -9.00
C SER B 91 -18.72 2.63 -9.03
C SER B 91 -18.73 2.65 -8.99
N ARG B 92 -19.07 3.56 -9.91
CA ARG B 92 -20.49 3.89 -10.10
C ARG B 92 -21.24 2.83 -10.82
N VAL B 93 -20.56 2.22 -11.78
CA VAL B 93 -21.22 1.34 -12.72
C VAL B 93 -21.26 -0.08 -12.14
N ILE B 94 -20.16 -0.51 -11.53
CA ILE B 94 -20.09 -1.84 -10.91
C ILE B 94 -19.49 -1.62 -9.50
N PRO B 95 -20.35 -1.42 -8.51
CA PRO B 95 -19.87 -0.93 -7.21
C PRO B 95 -18.83 -1.82 -6.54
N GLN B 96 -18.92 -3.13 -6.75
CA GLN B 96 -17.95 -4.04 -6.20
C GLN B 96 -16.85 -4.38 -7.23
N GLY B 97 -16.84 -3.66 -8.36
CA GLY B 97 -15.79 -3.88 -9.36
C GLY B 97 -16.08 -5.02 -10.32
N ARG B 98 -16.48 -6.17 -9.74
CA ARG B 98 -17.04 -7.25 -10.52
C ARG B 98 -18.37 -7.64 -9.87
N GLY B 99 -19.27 -8.24 -10.64
CA GLY B 99 -20.59 -8.63 -10.16
C GLY B 99 -21.68 -7.72 -10.66
N ALA B 100 -22.56 -7.25 -9.77
CA ALA B 100 -23.79 -6.60 -10.17
C ALA B 100 -23.55 -5.21 -10.75
N ILE B 101 -24.20 -4.92 -11.86
CA ILE B 101 -24.24 -3.60 -12.41
C ILE B 101 -25.19 -2.71 -11.62
N ASN B 102 -24.84 -1.46 -11.44
CA ASN B 102 -25.67 -0.49 -10.74
C ASN B 102 -26.38 0.38 -11.76
N PRO B 103 -27.65 0.07 -12.04
CA PRO B 103 -28.38 0.80 -13.09
C PRO B 103 -28.45 2.31 -12.87
N LYS B 104 -28.59 2.75 -11.63
CA LYS B 104 -28.64 4.17 -11.34
C LYS B 104 -27.36 4.92 -11.67
N GLY B 105 -26.21 4.34 -11.36
CA GLY B 105 -24.93 4.90 -11.71
C GLY B 105 -24.63 4.91 -13.19
N LEU B 106 -25.00 3.82 -13.87
CA LEU B 106 -24.86 3.77 -15.31
C LEU B 106 -25.81 4.77 -15.97
N ALA B 107 -26.95 5.06 -15.35
CA ALA B 107 -27.94 5.95 -15.94
C ALA B 107 -27.42 7.37 -16.04
N PHE B 108 -26.59 7.75 -15.08
CA PHE B 108 -25.98 9.07 -15.15
C PHE B 108 -25.25 9.25 -16.46
N TYR B 109 -24.43 8.27 -16.82
CA TYR B 109 -23.65 8.37 -18.06
C TYR B 109 -24.54 8.24 -19.30
N ASP B 110 -25.62 7.46 -19.14
CA ASP B 110 -26.58 7.30 -20.23
C ASP B 110 -27.23 8.63 -20.55
N ARG B 111 -27.68 9.38 -19.52
CA ARG B 111 -28.29 10.70 -19.77
C ARG B 111 -27.27 11.72 -20.26
N LEU B 112 -26.06 11.65 -19.69
CA LEU B 112 -24.99 12.54 -20.13
C LEU B 112 -24.70 12.37 -21.62
N VAL B 113 -24.49 11.12 -22.02
CA VAL B 113 -24.21 10.84 -23.43
C VAL B 113 -25.37 11.32 -24.35
N ASP B 114 -26.60 11.02 -23.99
CA ASP B 114 -27.72 11.53 -24.78
C ASP B 114 -27.74 13.05 -24.85
N GLY B 115 -27.41 13.71 -23.74
CA GLY B 115 -27.36 15.18 -23.72
C GLY B 115 -26.32 15.71 -24.65
N LEU B 116 -25.16 15.06 -24.67
CA LEU B 116 -24.10 15.49 -25.54
C LEU B 116 -24.49 15.31 -27.00
N LEU B 117 -25.06 14.15 -27.34
CA LEU B 117 -25.42 13.89 -28.72
C LEU B 117 -26.49 14.88 -29.18
N GLU B 118 -27.43 15.18 -28.30
CA GLU B 118 -28.50 16.14 -28.61
C GLU B 118 -27.93 17.52 -28.88
N ALA B 119 -26.85 17.88 -28.18
CA ALA B 119 -26.16 19.14 -28.39
C ALA B 119 -25.23 19.16 -29.59
N GLY B 120 -25.08 18.04 -30.29
CA GLY B 120 -24.17 17.95 -31.40
C GLY B 120 -22.70 17.84 -31.00
N ILE B 121 -22.47 17.22 -29.85
CA ILE B 121 -21.11 17.10 -29.30
C ILE B 121 -20.73 15.64 -29.24
N GLU B 122 -19.56 15.28 -29.80
CA GLU B 122 -19.18 13.87 -29.85
C GLU B 122 -18.66 13.41 -28.47
N PRO B 123 -19.25 12.33 -27.92
CA PRO B 123 -18.79 11.86 -26.62
C PRO B 123 -17.60 10.90 -26.77
N LEU B 124 -16.52 11.23 -26.09
CA LEU B 124 -15.27 10.46 -26.15
C LEU B 124 -15.10 9.93 -24.73
N ALA B 125 -15.36 8.65 -24.54
CA ALA B 125 -15.29 8.06 -23.21
C ALA B 125 -13.98 7.32 -22.95
N THR B 126 -13.48 7.52 -21.72
CA THR B 126 -12.34 6.83 -21.19
C THR B 126 -12.80 5.83 -20.12
N LEU B 127 -12.39 4.58 -20.24
CA LEU B 127 -12.82 3.56 -19.29
C LEU B 127 -12.18 3.77 -17.93
N TYR B 128 -10.86 4.03 -17.90
CA TYR B 128 -10.16 4.11 -16.62
C TYR B 128 -9.31 5.38 -16.49
N HIS B 129 -9.73 6.27 -15.60
CA HIS B 129 -8.98 7.45 -15.26
C HIS B 129 -8.74 7.50 -13.74
N TRP B 130 -8.13 6.40 -13.27
CA TRP B 130 -7.39 6.29 -12.05
C TRP B 130 -8.21 5.91 -10.80
N ASP B 131 -9.49 5.66 -10.97
CA ASP B 131 -10.41 5.47 -9.85
C ASP B 131 -10.85 4.01 -9.69
N LEU B 132 -9.87 3.11 -9.48
CA LEU B 132 -10.16 1.73 -9.23
C LEU B 132 -11.19 1.54 -8.12
N PRO B 133 -12.18 0.65 -8.30
CA PRO B 133 -13.05 0.36 -7.15
C PRO B 133 -12.26 -0.23 -5.98
N ALA B 134 -12.56 0.23 -4.80
CA ALA B 134 -11.84 -0.23 -3.60
C ALA B 134 -11.99 -1.73 -3.39
N ALA B 135 -13.13 -2.31 -3.80
CA ALA B 135 -13.32 -3.74 -3.67
C ALA B 135 -12.29 -4.54 -4.50
N LEU B 136 -11.86 -3.99 -5.63
CA LEU B 136 -10.82 -4.65 -6.41
C LEU B 136 -9.43 -4.40 -5.86
N ASP B 137 -9.21 -3.22 -5.29
CA ASP B 137 -7.96 -2.93 -4.59
C ASP B 137 -7.75 -3.89 -3.42
N ASP B 138 -8.83 -4.22 -2.74
CA ASP B 138 -8.78 -5.19 -1.64
C ASP B 138 -8.46 -6.57 -2.14
N ARG B 139 -8.55 -6.80 -3.44
CA ARG B 139 -8.15 -8.05 -4.05
C ARG B 139 -6.86 -7.90 -4.86
N GLY B 140 -6.10 -6.86 -4.54
CA GLY B 140 -4.78 -6.64 -5.07
C GLY B 140 -4.64 -5.59 -6.14
N GLY B 141 -5.79 -5.11 -6.60
CA GLY B 141 -5.82 -4.10 -7.64
C GLY B 141 -4.98 -4.46 -8.85
N TRP B 142 -4.13 -3.53 -9.29
CA TRP B 142 -3.33 -3.77 -10.47
C TRP B 142 -2.26 -4.83 -10.26
N LEU B 143 -2.14 -5.32 -9.04
CA LEU B 143 -1.18 -6.39 -8.79
C LEU B 143 -1.73 -7.80 -9.09
N ASN B 144 -3.03 -7.90 -9.20
CA ASN B 144 -3.70 -9.18 -9.42
C ASN B 144 -3.88 -9.36 -10.89
N PRO B 145 -3.27 -10.41 -11.45
CA PRO B 145 -3.39 -10.60 -12.91
C PRO B 145 -4.84 -10.78 -13.39
N ASP B 146 -5.76 -11.19 -12.52
CA ASP B 146 -7.17 -11.28 -12.90
C ASP B 146 -7.76 -9.93 -13.29
N ILE B 147 -7.09 -8.85 -12.95
CA ILE B 147 -7.67 -7.52 -13.28
C ILE B 147 -7.84 -7.35 -14.77
N ALA B 148 -7.01 -8.01 -15.59
CA ALA B 148 -7.23 -7.93 -17.05
C ALA B 148 -8.66 -8.34 -17.40
N ASP B 149 -9.12 -9.43 -16.79
CA ASP B 149 -10.49 -9.94 -17.02
C ASP B 149 -11.54 -9.07 -16.38
N TRP B 150 -11.26 -8.59 -15.15
CA TRP B 150 -12.22 -7.70 -14.48
C TRP B 150 -12.42 -6.44 -15.36
N PHE B 151 -11.31 -5.92 -15.86
CA PHE B 151 -11.39 -4.70 -16.67
C PHE B 151 -12.08 -4.95 -18.00
N ALA B 152 -11.79 -6.08 -18.65
CA ALA B 152 -12.50 -6.38 -19.91
C ALA B 152 -14.02 -6.50 -19.68
N ASP B 153 -14.42 -7.13 -18.58
CA ASP B 153 -15.86 -7.27 -18.25
C ASP B 153 -16.53 -5.93 -18.01
N TYR B 154 -15.81 -5.03 -17.33
CA TYR B 154 -16.32 -3.68 -17.11
C TYR B 154 -16.44 -2.94 -18.43
N GLY B 155 -15.41 -3.02 -19.26
CA GLY B 155 -15.47 -2.39 -20.58
C GLY B 155 -16.64 -2.90 -21.37
N GLN B 156 -16.89 -4.19 -21.33
CA GLN B 156 -18.04 -4.77 -22.05
C GLN B 156 -19.36 -4.10 -21.65
N VAL B 157 -19.55 -3.82 -20.36
CA VAL B 157 -20.77 -3.16 -19.90
C VAL B 157 -20.96 -1.86 -20.62
N LEU B 158 -19.89 -1.08 -20.72
CA LEU B 158 -19.98 0.23 -21.39
C LEU B 158 -20.05 0.10 -22.89
N PHE B 159 -19.26 -0.78 -23.49
CA PHE B 159 -19.30 -0.96 -24.95
C PHE B 159 -20.71 -1.30 -25.40
N GLU B 160 -21.39 -2.15 -24.64
CA GLU B 160 -22.74 -2.54 -25.00
C GLU B 160 -23.75 -1.42 -24.69
N LYS B 161 -23.63 -0.79 -23.54
CA LYS B 161 -24.62 0.24 -23.17
C LYS B 161 -24.61 1.41 -24.11
N PHE B 162 -23.43 1.78 -24.61
CA PHE B 162 -23.24 2.97 -25.45
C PHE B 162 -22.99 2.63 -26.91
N LYS B 163 -23.36 1.41 -27.29
CA LYS B 163 -23.10 0.95 -28.66
C LYS B 163 -23.79 1.86 -29.63
N GLY B 164 -23.05 2.37 -30.59
CA GLY B 164 -23.56 3.29 -31.59
C GLY B 164 -23.69 4.72 -31.16
N ARG B 165 -23.42 5.01 -29.88
CA ARG B 165 -23.47 6.37 -29.37
C ARG B 165 -22.10 6.92 -29.07
N VAL B 166 -21.35 6.19 -28.24
CA VAL B 166 -19.92 6.52 -28.07
C VAL B 166 -19.15 5.64 -29.08
N LYS B 167 -18.44 6.30 -30.01
CA LYS B 167 -17.73 5.59 -31.03
C LYS B 167 -16.21 5.66 -30.89
N THR B 168 -15.72 6.58 -30.08
CA THR B 168 -14.27 6.71 -29.90
C THR B 168 -13.95 6.46 -28.46
N TRP B 169 -13.23 5.38 -28.20
CA TRP B 169 -13.04 4.84 -26.86
C TRP B 169 -11.57 4.86 -26.45
N GLY B 170 -11.29 5.27 -25.20
CA GLY B 170 -9.97 5.13 -24.61
C GLY B 170 -10.06 4.10 -23.50
N THR B 171 -9.04 3.27 -23.39
CA THR B 171 -9.01 2.24 -22.40
C THR B 171 -8.44 2.78 -21.09
N ILE B 172 -7.13 2.97 -21.06
CA ILE B 172 -6.45 3.40 -19.87
C ILE B 172 -5.92 4.80 -20.10
N ASN B 173 -6.15 5.73 -19.17
CA ASN B 173 -5.57 7.05 -19.27
C ASN B 173 -4.23 7.10 -18.54
N GLN B 174 -3.14 7.24 -19.27
CA GLN B 174 -1.80 7.47 -18.63
C GLN B 174 -1.34 6.33 -17.69
N PRO B 175 -1.04 5.17 -18.25
CA PRO B 175 -0.46 4.03 -17.47
C PRO B 175 0.74 4.51 -16.62
N TRP B 176 1.60 5.35 -17.14
CA TRP B 176 2.76 5.82 -16.32
C TRP B 176 2.37 6.51 -15.02
N VAL B 177 1.40 7.44 -15.06
CA VAL B 177 1.01 8.10 -13.81
C VAL B 177 0.35 7.14 -12.85
N ILE B 178 -0.49 6.26 -13.37
CA ILE B 178 -1.14 5.25 -12.55
C ILE B 178 -0.11 4.47 -11.75
N VAL B 179 0.94 4.06 -12.44
CA VAL B 179 1.90 3.11 -11.85
C VAL B 179 3.00 3.88 -11.14
N ASP B 180 3.58 4.87 -11.80
CA ASP B 180 4.65 5.65 -11.15
C ASP B 180 4.14 6.35 -9.89
N GLY B 181 2.96 6.96 -9.98
CA GLY B 181 2.40 7.68 -8.85
C GLY B 181 1.75 6.77 -7.81
N GLY B 182 1.04 5.75 -8.27
CA GLY B 182 0.26 4.93 -7.36
C GLY B 182 0.99 3.74 -6.71
N TYR B 183 2.02 3.23 -7.38
CA TYR B 183 2.72 2.04 -6.95
C TYR B 183 4.20 2.22 -6.71
N LEU B 184 4.86 3.08 -7.49
CA LEU B 184 6.32 3.23 -7.36
C LEU B 184 6.67 4.22 -6.25
N HIS B 185 6.06 5.42 -6.28
CA HIS B 185 6.39 6.46 -5.30
C HIS B 185 5.29 6.71 -4.26
N GLY B 186 4.08 6.31 -4.56
CA GLY B 186 3.00 6.42 -3.62
C GLY B 186 2.39 7.79 -3.39
N ALA B 187 2.59 8.71 -4.32
CA ALA B 187 2.01 10.05 -4.21
C ALA B 187 0.54 10.11 -4.60
N LEU B 188 0.06 9.09 -5.27
CA LEU B 188 -1.32 8.96 -5.75
C LEU B 188 -1.93 7.64 -5.25
N ALA B 189 -3.25 7.57 -5.18
CA ALA B 189 -3.90 6.32 -4.85
C ALA B 189 -3.44 5.16 -5.75
N PRO B 190 -3.25 3.96 -5.18
CA PRO B 190 -3.54 3.54 -3.78
C PRO B 190 -2.40 3.80 -2.80
N GLY B 191 -1.36 4.51 -3.20
CA GLY B 191 -0.36 5.03 -2.26
C GLY B 191 0.64 3.97 -1.83
N HIS B 192 1.01 3.09 -2.75
CA HIS B 192 2.09 2.12 -2.52
C HIS B 192 3.43 2.67 -3.00
N ARG B 193 4.53 2.22 -2.38
CA ARG B 193 5.86 2.61 -2.79
C ARG B 193 6.75 1.38 -2.88
N SER B 194 6.87 0.85 -4.07
CA SER B 194 7.60 -0.40 -4.25
C SER B 194 7.97 -0.55 -5.71
N ALA B 195 9.22 -0.77 -6.03
CA ALA B 195 9.61 -1.09 -7.42
C ALA B 195 9.07 -2.44 -7.81
N TYR B 196 9.08 -3.41 -6.86
CA TYR B 196 8.56 -4.73 -7.14
C TYR B 196 7.11 -4.64 -7.63
N GLU B 197 6.28 -3.88 -6.90
CA GLU B 197 4.92 -3.71 -7.28
C GLU B 197 4.74 -2.94 -8.57
N ALA B 198 5.56 -1.91 -8.74
CA ALA B 198 5.44 -1.05 -9.94
C ALA B 198 5.62 -1.86 -11.23
N VAL B 199 6.56 -2.79 -11.20
CA VAL B 199 6.86 -3.61 -12.37
C VAL B 199 5.68 -4.46 -12.72
N ILE B 200 5.09 -5.07 -11.71
CA ILE B 200 3.93 -5.92 -11.90
C ILE B 200 2.71 -5.10 -12.32
N ALA B 201 2.47 -3.97 -11.67
CA ALA B 201 1.26 -3.18 -11.93
C ALA B 201 1.30 -2.65 -13.38
N GLY B 202 2.47 -2.22 -13.82
CA GLY B 202 2.64 -1.75 -15.20
C GLY B 202 2.29 -2.85 -16.21
N HIS B 203 2.69 -4.06 -15.88
CA HIS B 203 2.41 -5.18 -16.75
C HIS B 203 0.92 -5.48 -16.80
N ASN B 204 0.24 -5.46 -15.68
CA ASN B 204 -1.17 -5.77 -15.67
C ASN B 204 -2.01 -4.66 -16.26
N VAL B 205 -1.57 -3.42 -16.13
CA VAL B 205 -2.25 -2.31 -16.81
C VAL B 205 -2.22 -2.55 -18.33
N LEU B 206 -1.05 -2.90 -18.86
CA LEU B 206 -0.90 -3.21 -20.29
C LEU B 206 -1.81 -4.40 -20.71
N ARG B 207 -1.81 -5.48 -19.89
CA ARG B 207 -2.64 -6.64 -20.19
C ARG B 207 -4.11 -6.29 -20.17
N ALA B 208 -4.54 -5.47 -19.22
CA ALA B 208 -5.93 -5.05 -19.14
C ALA B 208 -6.33 -4.25 -20.39
N HIS B 209 -5.45 -3.35 -20.82
CA HIS B 209 -5.68 -2.62 -22.05
C HIS B 209 -5.96 -3.61 -23.21
N GLY B 210 -5.08 -4.62 -23.36
CA GLY B 210 -5.22 -5.52 -24.47
C GLY B 210 -6.45 -6.37 -24.35
N ALA B 211 -6.80 -6.75 -23.12
CA ALA B 211 -8.01 -7.55 -22.91
C ALA B 211 -9.27 -6.76 -23.23
N ALA B 212 -9.26 -5.47 -22.90
CA ALA B 212 -10.37 -4.62 -23.27
C ALA B 212 -10.48 -4.45 -24.77
N VAL B 213 -9.37 -4.35 -25.47
CA VAL B 213 -9.42 -4.21 -26.92
C VAL B 213 -10.02 -5.51 -27.51
N ARG B 214 -9.58 -6.64 -27.00
CA ARG B 214 -10.12 -7.89 -27.51
C ARG B 214 -11.61 -7.98 -27.29
N ARG B 215 -12.07 -7.53 -26.13
CA ARG B 215 -13.50 -7.58 -25.81
C ARG B 215 -14.24 -6.62 -26.72
N PHE B 216 -13.63 -5.49 -27.01
CA PHE B 216 -14.22 -4.52 -27.93
C PHE B 216 -14.44 -5.10 -29.33
N ARG B 217 -13.49 -5.90 -29.79
CA ARG B 217 -13.66 -6.55 -31.10
C ARG B 217 -14.84 -7.52 -31.09
N GLU B 218 -15.11 -8.13 -29.94
CA GLU B 218 -16.23 -9.08 -29.81
C GLU B 218 -17.59 -8.41 -29.78
N VAL B 219 -17.74 -7.26 -29.11
CA VAL B 219 -19.08 -6.70 -28.85
C VAL B 219 -19.28 -5.24 -29.21
N GLY B 220 -18.19 -4.53 -29.46
CA GLY B 220 -18.23 -3.09 -29.63
C GLY B 220 -18.43 -2.59 -31.03
N GLU B 221 -18.52 -1.26 -31.13
CA GLU B 221 -18.65 -0.58 -32.41
C GLU B 221 -17.85 0.74 -32.35
N GLY B 222 -16.94 0.93 -33.28
CA GLY B 222 -16.17 2.17 -33.28
C GLY B 222 -14.67 1.95 -33.25
N GLN B 223 -13.95 2.85 -32.60
CA GLN B 223 -12.49 2.86 -32.61
C GLN B 223 -12.00 2.88 -31.16
N ILE B 224 -11.02 2.06 -30.86
CA ILE B 224 -10.50 1.99 -29.47
C ILE B 224 -8.99 2.18 -29.43
N GLY B 225 -8.49 2.79 -28.33
CA GLY B 225 -7.07 2.96 -28.20
C GLY B 225 -6.69 3.30 -26.77
N ILE B 226 -5.40 3.36 -26.50
CA ILE B 226 -4.87 3.78 -25.21
C ILE B 226 -4.51 5.24 -25.23
N VAL B 227 -4.38 5.86 -24.05
CA VAL B 227 -3.92 7.27 -23.96
C VAL B 227 -2.63 7.30 -23.18
N LEU B 228 -1.56 7.81 -23.79
CA LEU B 228 -0.29 7.88 -23.12
C LEU B 228 0.09 9.32 -22.83
N ASN B 229 0.84 9.52 -21.75
CA ASN B 229 1.56 10.78 -21.58
C ASN B 229 3.00 10.58 -21.98
N ILE B 230 3.53 11.50 -22.76
CA ILE B 230 4.97 11.46 -23.10
C ILE B 230 5.56 12.79 -22.63
N GLU B 231 6.68 12.77 -21.93
CA GLU B 231 7.39 13.99 -21.55
C GLU B 231 8.80 13.90 -22.16
N PRO B 232 9.01 14.51 -23.30
CA PRO B 232 10.25 14.29 -24.07
C PRO B 232 11.46 14.68 -23.22
N LYS B 233 12.53 13.89 -23.28
CA LYS B 233 13.72 14.14 -22.48
C LYS B 233 14.82 14.70 -23.36
N TYR B 234 15.30 15.91 -23.05
CA TYR B 234 16.36 16.59 -23.80
C TYR B 234 17.70 16.56 -23.02
N PRO B 235 18.82 16.64 -23.74
CA PRO B 235 20.17 16.56 -23.13
C PRO B 235 20.49 17.71 -22.19
N ALA B 236 20.98 17.41 -21.00
CA ALA B 236 21.44 18.43 -20.08
C ALA B 236 22.89 18.87 -20.36
N SER B 237 23.62 18.01 -21.07
CA SER B 237 25.04 18.22 -21.32
C SER B 237 25.55 17.17 -22.28
N ASP B 238 26.85 17.16 -22.59
CA ASP B 238 27.36 16.12 -23.46
C ASP B 238 28.12 15.06 -22.67
N LYS B 239 28.00 15.10 -21.35
CA LYS B 239 28.63 14.12 -20.52
C LYS B 239 27.98 12.76 -20.70
N PRO B 240 28.81 11.71 -20.82
CA PRO B 240 28.22 10.39 -20.98
C PRO B 240 27.28 9.99 -19.83
N GLU B 241 27.59 10.34 -18.60
CA GLU B 241 26.74 9.94 -17.48
C GLU B 241 25.37 10.63 -17.56
N ASP B 242 25.31 11.80 -18.20
CA ASP B 242 24.02 12.50 -18.34
C ASP B 242 23.22 11.92 -19.47
N GLU B 243 23.88 11.43 -20.50
CA GLU B 243 23.16 10.79 -21.59
C GLU B 243 22.57 9.47 -21.13
N ALA B 244 23.31 8.75 -20.28
CA ALA B 244 22.81 7.53 -19.76
C ALA B 244 21.56 7.81 -18.89
N ALA B 245 21.65 8.85 -18.07
CA ALA B 245 20.53 9.30 -17.22
C ALA B 245 19.31 9.68 -18.06
N ARG B 246 19.54 10.38 -19.16
CA ARG B 246 18.47 10.75 -20.10
C ARG B 246 17.82 9.51 -20.67
N ARG B 247 18.64 8.53 -21.05
CA ARG B 247 18.08 7.29 -21.56
C ARG B 247 17.26 6.54 -20.52
N ARG B 248 17.73 6.49 -19.27
CA ARG B 248 16.98 5.85 -18.20
C ARG B 248 15.62 6.53 -17.97
N ALA B 249 15.67 7.86 -17.89
CA ALA B 249 14.44 8.64 -17.67
C ALA B 249 13.46 8.41 -18.82
N GLU B 250 13.96 8.48 -20.02
CA GLU B 250 13.15 8.23 -21.20
C GLU B 250 12.57 6.82 -21.26
N ALA B 251 13.38 5.81 -20.93
CA ALA B 251 12.89 4.44 -20.96
C ALA B 251 11.76 4.28 -19.95
N GLN B 252 11.96 4.77 -18.74
CA GLN B 252 11.00 4.56 -17.65
C GLN B 252 9.72 5.36 -17.88
N MET B 253 9.81 6.50 -18.50
CA MET B 253 8.61 7.34 -18.60
C MET B 253 7.87 7.25 -19.91
N ASN B 254 8.63 7.16 -20.98
CA ASN B 254 8.10 7.31 -22.34
C ASN B 254 8.07 6.05 -23.15
N ARG B 255 8.96 5.09 -22.85
CA ARG B 255 9.04 3.88 -23.63
C ARG B 255 8.50 2.63 -22.91
N TRP B 256 8.34 2.72 -21.60
CA TRP B 256 7.91 1.58 -20.80
C TRP B 256 6.63 0.94 -21.33
N PHE B 257 5.67 1.80 -21.75
CA PHE B 257 4.38 1.30 -22.22
C PHE B 257 4.30 1.26 -23.72
N LEU B 258 4.82 2.31 -24.33
CA LEU B 258 4.79 2.40 -25.80
C LEU B 258 5.48 1.23 -26.49
N ASP B 259 6.68 0.83 -26.02
CA ASP B 259 7.41 -0.23 -26.73
C ASP B 259 6.63 -1.56 -26.78
N PRO B 260 6.14 -2.05 -25.61
CA PRO B 260 5.31 -3.30 -25.67
C PRO B 260 4.03 -3.12 -26.49
N LEU B 261 3.40 -1.94 -26.43
CA LEU B 261 2.22 -1.72 -27.26
C LEU B 261 2.56 -1.91 -28.74
N MET B 262 3.77 -1.54 -29.09
CA MET B 262 4.23 -1.58 -30.48
C MET B 262 4.89 -2.90 -30.83
N GLY B 263 4.83 -3.85 -29.90
CA GLY B 263 5.42 -5.17 -30.18
C GLY B 263 6.91 -5.22 -30.07
N ARG B 264 7.53 -4.31 -29.33
CA ARG B 264 8.98 -4.23 -29.23
C ARG B 264 9.53 -4.74 -27.90
N GLY B 265 8.67 -5.30 -27.07
CA GLY B 265 9.11 -5.79 -25.76
C GLY B 265 9.34 -4.59 -24.84
N TYR B 266 9.79 -4.85 -23.63
CA TYR B 266 10.09 -3.76 -22.72
C TYR B 266 11.48 -3.17 -23.02
N PRO B 267 11.68 -1.86 -22.78
CA PRO B 267 13.02 -1.25 -22.95
C PRO B 267 14.10 -1.94 -22.13
N GLU B 268 15.28 -2.10 -22.73
CA GLU B 268 16.39 -2.78 -22.04
C GLU B 268 16.82 -2.07 -20.79
N GLU B 269 16.67 -0.76 -20.79
CA GLU B 269 17.11 0.06 -19.67
C GLU B 269 16.33 -0.23 -18.37
N LEU B 270 15.16 -0.86 -18.47
CA LEU B 270 14.37 -1.08 -17.29
C LEU B 270 15.00 -2.12 -16.38
N THR B 271 15.86 -2.99 -16.93
CA THR B 271 16.53 -3.94 -16.06
C THR B 271 17.52 -3.19 -15.17
N ASP B 272 18.08 -2.10 -15.69
CA ASP B 272 19.00 -1.26 -14.91
C ASP B 272 18.24 -0.42 -13.90
N VAL B 273 17.14 0.19 -14.34
CA VAL B 273 16.36 1.05 -13.49
C VAL B 273 15.76 0.30 -12.31
N TYR B 274 15.15 -0.86 -12.59
CA TYR B 274 14.42 -1.56 -11.53
C TYR B 274 15.24 -2.66 -10.82
N GLY B 275 16.41 -3.00 -11.38
CA GLY B 275 17.27 -3.97 -10.72
C GLY B 275 16.58 -5.26 -10.41
N ALA B 276 16.71 -5.71 -9.14
CA ALA B 276 16.24 -7.04 -8.77
C ALA B 276 14.71 -7.09 -8.72
N ALA B 277 14.04 -5.94 -8.82
CA ALA B 277 12.60 -5.89 -8.93
C ALA B 277 12.08 -6.20 -10.32
N TRP B 278 12.95 -6.14 -11.33
CA TRP B 278 12.53 -6.44 -12.70
C TRP B 278 12.10 -7.89 -12.81
N ARG B 279 11.14 -8.16 -13.68
CA ARG B 279 10.57 -9.51 -13.86
C ARG B 279 10.34 -9.76 -15.31
N GLU B 280 10.39 -11.03 -15.71
CA GLU B 280 10.01 -11.44 -17.04
C GLU B 280 8.66 -12.17 -17.02
N PHE B 281 7.94 -12.11 -18.13
CA PHE B 281 6.56 -12.56 -18.14
C PHE B 281 6.36 -13.51 -19.30
N PRO B 282 5.24 -14.25 -19.29
CA PRO B 282 4.93 -15.18 -20.40
C PRO B 282 4.86 -14.50 -21.72
N LYS B 283 5.33 -15.15 -22.77
CA LYS B 283 5.21 -14.62 -24.14
C LYS B 283 3.82 -14.26 -24.53
N GLU B 284 2.84 -15.09 -24.14
CA GLU B 284 1.47 -14.83 -24.52
C GLU B 284 0.98 -13.47 -24.03
N ASP B 285 1.55 -13.02 -22.91
CA ASP B 285 1.18 -11.69 -22.37
C ASP B 285 1.49 -10.60 -23.38
N PHE B 286 2.62 -10.72 -24.07
CA PHE B 286 2.99 -9.65 -25.00
C PHE B 286 2.13 -9.65 -26.23
N GLU B 287 1.62 -10.83 -26.62
CA GLU B 287 0.63 -10.89 -27.72
C GLU B 287 -0.64 -10.13 -27.33
N LEU B 288 -1.10 -10.35 -26.11
CA LEU B 288 -2.27 -9.65 -25.58
C LEU B 288 -2.06 -8.15 -25.57
N ILE B 289 -0.92 -7.73 -25.05
CA ILE B 289 -0.61 -6.30 -24.89
C ILE B 289 -0.61 -5.61 -26.23
N ALA B 290 -0.09 -6.27 -27.25
CA ALA B 290 0.04 -5.64 -28.58
C ALA B 290 -1.21 -5.82 -29.46
N GLU B 291 -2.33 -6.21 -28.87
CA GLU B 291 -3.60 -6.30 -29.59
C GLU B 291 -3.84 -5.00 -30.42
N PRO B 292 -4.06 -5.15 -31.72
CA PRO B 292 -4.06 -3.91 -32.57
C PRO B 292 -5.12 -2.91 -32.15
N THR B 293 -4.76 -1.62 -32.09
CA THR B 293 -5.68 -0.56 -31.76
C THR B 293 -5.97 0.28 -33.00
N ASP B 294 -6.94 1.17 -32.88
CA ASP B 294 -7.42 2.02 -33.95
C ASP B 294 -6.91 3.45 -33.93
N TRP B 295 -6.51 3.91 -32.75
CA TRP B 295 -5.98 5.27 -32.59
C TRP B 295 -5.22 5.33 -31.25
N MET B 296 -4.47 6.41 -31.03
CA MET B 296 -3.77 6.55 -29.75
C MET B 296 -3.88 7.99 -29.32
N GLY B 297 -4.10 8.21 -28.02
CA GLY B 297 -4.15 9.55 -27.51
C GLY B 297 -2.82 9.93 -26.88
N LEU B 298 -2.46 11.20 -27.05
CA LEU B 298 -1.30 11.80 -26.39
C LEU B 298 -1.75 12.87 -25.40
N ASN B 299 -1.41 12.69 -24.14
CA ASN B 299 -1.54 13.75 -23.12
C ASN B 299 -0.20 14.43 -23.05
N TRP B 300 -0.16 15.74 -23.22
CA TRP B 300 1.12 16.43 -23.29
C TRP B 300 1.10 17.80 -22.62
N TYR B 301 2.14 18.08 -21.86
CA TYR B 301 2.20 19.33 -21.12
C TYR B 301 3.58 20.01 -21.18
N THR B 302 4.66 19.23 -21.16
CA THR B 302 5.97 19.81 -20.99
C THR B 302 7.07 18.85 -21.40
N ARG B 303 8.31 19.29 -21.24
CA ARG B 303 9.49 18.45 -21.48
C ARG B 303 10.27 18.40 -20.19
N ALA B 304 11.32 17.60 -20.20
CA ALA B 304 12.29 17.64 -19.11
C ALA B 304 13.71 17.55 -19.68
N VAL B 305 14.67 18.01 -18.89
CA VAL B 305 16.10 18.02 -19.25
C VAL B 305 16.85 17.27 -18.12
N PRO B 306 16.86 15.94 -18.19
CA PRO B 306 17.37 15.17 -17.04
C PRO B 306 18.90 15.07 -16.98
N GLU B 307 19.48 15.17 -15.78
CA GLU B 307 20.89 14.92 -15.59
C GLU B 307 21.06 13.71 -14.63
N ASN B 308 22.26 13.16 -14.58
CA ASN B 308 22.54 12.05 -13.67
C ASN B 308 22.34 12.50 -12.20
N ALA B 309 21.71 11.63 -11.41
CA ALA B 309 21.45 11.86 -10.01
C ALA B 309 21.46 10.50 -9.30
N PRO B 310 22.63 10.04 -8.85
CA PRO B 310 22.71 8.66 -8.35
C PRO B 310 21.82 8.32 -7.18
N ASP B 311 21.31 9.30 -6.47
CA ASP B 311 20.50 9.02 -5.33
C ASP B 311 19.01 9.21 -5.59
N ALA B 312 18.64 9.49 -6.84
CA ALA B 312 17.26 9.75 -7.21
C ALA B 312 16.59 8.41 -7.66
N TRP B 313 16.08 7.67 -6.71
CA TRP B 313 15.57 6.31 -6.98
C TRP B 313 14.22 6.34 -7.73
N PRO B 314 14.04 5.44 -8.69
CA PRO B 314 14.96 4.44 -9.22
C PRO B 314 15.67 4.82 -10.52
N THR B 315 15.26 5.91 -11.18
CA THR B 315 15.85 6.21 -12.47
C THR B 315 17.24 6.85 -12.38
N ARG B 316 17.64 7.30 -11.19
CA ARG B 316 18.94 7.96 -11.00
C ARG B 316 19.12 9.14 -11.98
N SER B 317 18.07 9.95 -12.05
CA SER B 317 18.06 11.12 -12.91
C SER B 317 17.23 12.16 -12.24
N ARG B 318 17.46 13.42 -12.61
CA ARG B 318 16.63 14.50 -12.10
C ARG B 318 16.58 15.61 -13.13
N PRO B 319 15.45 16.31 -13.21
CA PRO B 319 15.37 17.41 -14.20
C PRO B 319 16.15 18.66 -13.80
N VAL B 320 16.83 19.25 -14.77
CA VAL B 320 17.52 20.52 -14.59
C VAL B 320 16.53 21.66 -14.89
N ARG B 321 16.37 22.58 -13.92
CA ARG B 321 15.39 23.65 -14.10
C ARG B 321 15.82 24.55 -15.26
N GLN B 322 14.88 24.81 -16.16
CA GLN B 322 15.14 25.59 -17.35
C GLN B 322 14.69 27.03 -17.10
N THR B 323 15.53 27.77 -16.39
CA THR B 323 15.15 29.07 -15.88
C THR B 323 14.91 30.10 -16.97
N GLN B 324 15.31 29.78 -18.20
CA GLN B 324 15.11 30.71 -19.32
C GLN B 324 13.65 30.86 -19.73
N HIS B 325 12.82 29.93 -19.32
CA HIS B 325 11.42 29.90 -19.76
C HIS B 325 10.45 30.01 -18.58
N ALA B 326 9.22 30.40 -18.92
CA ALA B 326 8.14 30.43 -17.94
C ALA B 326 7.83 29.02 -17.44
N HIS B 327 7.36 28.95 -16.21
CA HIS B 327 6.90 27.72 -15.57
C HIS B 327 5.50 27.90 -15.02
N THR B 328 4.66 26.87 -15.15
CA THR B 328 3.30 26.88 -14.66
C THR B 328 3.24 26.73 -13.15
N GLU B 329 2.03 26.78 -12.64
CA GLU B 329 1.87 26.63 -11.22
C GLU B 329 2.15 25.23 -10.77
N THR B 330 2.17 24.25 -11.63
CA THR B 330 2.59 22.91 -11.24
C THR B 330 4.11 22.72 -11.45
N GLY B 331 4.78 23.81 -11.83
CA GLY B 331 6.23 23.79 -11.96
C GLY B 331 6.73 23.21 -13.27
N TRP B 332 5.89 23.20 -14.30
CA TRP B 332 6.22 22.62 -15.59
C TRP B 332 6.72 23.69 -16.57
N GLU B 333 7.84 23.40 -17.23
CA GLU B 333 8.35 24.35 -18.21
C GLU B 333 7.37 24.58 -19.33
N VAL B 334 7.27 25.84 -19.78
CA VAL B 334 6.50 26.14 -20.98
C VAL B 334 7.45 26.15 -22.20
N TYR B 335 7.31 25.17 -23.06
CA TYR B 335 8.19 25.07 -24.24
C TYR B 335 7.47 24.38 -25.44
N PRO B 336 6.67 25.15 -26.19
CA PRO B 336 5.82 24.61 -27.24
C PRO B 336 6.52 23.80 -28.32
N PRO B 337 7.79 24.14 -28.64
CA PRO B 337 8.43 23.35 -29.72
C PRO B 337 8.51 21.85 -29.37
N ALA B 338 8.60 21.55 -28.10
CA ALA B 338 8.68 20.19 -27.67
C ALA B 338 7.38 19.41 -27.91
N LEU B 339 6.23 20.10 -28.01
CA LEU B 339 5.03 19.38 -28.39
C LEU B 339 5.15 18.88 -29.85
N THR B 340 5.60 19.77 -30.76
CA THR B 340 5.81 19.40 -32.12
C THR B 340 6.78 18.23 -32.17
N ASP B 341 7.90 18.35 -31.46
CA ASP B 341 8.92 17.29 -31.45
C ASP B 341 8.34 15.99 -30.96
N THR B 342 7.49 16.05 -29.93
CA THR B 342 6.91 14.81 -29.39
C THR B 342 5.94 14.16 -30.34
N LEU B 343 5.14 14.96 -31.03
CA LEU B 343 4.19 14.39 -31.97
C LEU B 343 4.92 13.68 -33.14
N VAL B 344 6.01 14.29 -33.58
CA VAL B 344 6.87 13.73 -34.60
C VAL B 344 7.47 12.41 -34.11
N TRP B 345 7.99 12.43 -32.91
CA TRP B 345 8.57 11.19 -32.34
C TRP B 345 7.52 10.10 -32.23
N LEU B 346 6.35 10.45 -31.72
CA LEU B 346 5.28 9.46 -31.53
C LEU B 346 4.83 8.88 -32.86
N SER B 347 4.75 9.75 -33.88
CA SER B 347 4.44 9.28 -35.23
C SER B 347 5.48 8.30 -35.74
N GLU B 348 6.77 8.57 -35.51
CA GLU B 348 7.83 7.66 -35.92
C GLU B 348 7.68 6.32 -35.19
N GLN B 349 7.47 6.42 -33.88
CA GLN B 349 7.41 5.23 -33.03
C GLN B 349 6.21 4.36 -33.33
N THR B 350 5.10 4.94 -33.74
CA THR B 350 3.89 4.17 -34.03
C THR B 350 3.77 3.76 -35.46
N GLY B 351 4.75 4.15 -36.28
CA GLY B 351 4.80 3.76 -37.67
C GLY B 351 4.06 4.70 -38.61
N GLY B 352 3.49 5.77 -38.07
CA GLY B 352 2.92 6.82 -38.91
C GLY B 352 1.57 6.57 -39.49
N LYS B 353 1.02 5.39 -39.28
CA LYS B 353 -0.29 5.04 -39.83
C LYS B 353 -1.36 4.87 -38.75
N LEU B 354 -1.00 5.17 -37.52
CA LEU B 354 -1.92 5.09 -36.38
C LEU B 354 -2.46 6.50 -36.09
N PRO B 355 -3.77 6.73 -36.29
CA PRO B 355 -4.33 8.08 -36.06
C PRO B 355 -4.07 8.51 -34.61
N LEU B 356 -3.64 9.74 -34.44
CA LEU B 356 -3.31 10.29 -33.13
C LEU B 356 -4.30 11.44 -32.80
N MET B 357 -4.57 11.62 -31.52
CA MET B 357 -5.26 12.81 -31.06
C MET B 357 -4.54 13.31 -29.82
N VAL B 358 -4.42 14.63 -29.67
CA VAL B 358 -3.96 15.16 -28.40
C VAL B 358 -5.17 15.17 -27.51
N THR B 359 -5.19 14.26 -26.55
CA THR B 359 -6.32 14.08 -25.71
C THR B 359 -6.32 14.91 -24.44
N GLU B 360 -5.16 15.50 -24.11
CA GLU B 360 -5.08 16.51 -23.04
C GLU B 360 -3.92 17.42 -23.33
N ASN B 361 -4.13 18.71 -23.23
CA ASN B 361 -3.03 19.67 -23.22
C ASN B 361 -3.60 20.95 -22.59
N GLY B 362 -2.82 21.62 -21.79
CA GLY B 362 -3.33 22.75 -21.06
C GLY B 362 -2.31 23.20 -20.05
N SER B 363 -2.70 24.11 -19.16
CA SER B 363 -1.74 24.70 -18.26
C SER B 363 -2.42 25.28 -17.04
N ALA B 364 -1.73 25.22 -15.90
CA ALA B 364 -2.24 25.71 -14.61
C ALA B 364 -1.55 27.03 -14.22
N TRP B 365 -2.35 28.04 -13.89
CA TRP B 365 -1.84 29.37 -13.50
C TRP B 365 -2.73 29.83 -12.38
N TYR B 366 -2.24 30.72 -11.53
CA TYR B 366 -3.09 31.19 -10.48
C TYR B 366 -4.30 31.97 -11.02
N ASP B 367 -5.49 31.63 -10.53
CA ASP B 367 -6.70 32.41 -10.71
C ASP B 367 -7.29 32.62 -9.34
N PRO B 368 -7.94 33.77 -9.13
CA PRO B 368 -8.62 34.02 -7.84
C PRO B 368 -9.80 33.01 -7.63
N PRO B 369 -10.28 32.86 -6.39
CA PRO B 369 -11.29 31.83 -6.12
C PRO B 369 -12.68 32.23 -6.58
N HIS B 370 -12.84 33.48 -7.01
CA HIS B 370 -14.11 33.98 -7.49
C HIS B 370 -13.88 34.82 -8.71
N ALA B 371 -14.87 34.90 -9.59
CA ALA B 371 -14.78 35.78 -10.73
C ALA B 371 -14.65 37.24 -10.27
N ILE B 372 -14.08 38.07 -11.13
CA ILE B 372 -13.99 39.48 -10.81
C ILE B 372 -14.71 40.23 -11.92
N ASP B 373 -15.79 40.90 -11.55
CA ASP B 373 -16.64 41.62 -12.53
C ASP B 373 -17.09 40.69 -13.64
N GLY B 374 -17.38 39.44 -13.28
CA GLY B 374 -17.85 38.43 -14.19
C GLY B 374 -16.81 37.85 -15.15
N ARG B 375 -15.53 38.10 -14.86
CA ARG B 375 -14.49 37.65 -15.76
C ARG B 375 -13.37 36.98 -15.02
N ILE B 376 -12.57 36.22 -15.74
CA ILE B 376 -11.31 35.69 -15.21
C ILE B 376 -10.28 35.93 -16.30
N HIS B 377 -9.34 36.85 -16.04
CA HIS B 377 -8.32 37.21 -16.98
C HIS B 377 -7.07 36.36 -16.74
N ASP B 378 -6.78 35.45 -17.68
CA ASP B 378 -5.67 34.50 -17.49
C ASP B 378 -4.73 34.53 -18.67
N PRO B 379 -3.98 35.63 -18.80
CA PRO B 379 -3.17 35.82 -19.99
C PRO B 379 -2.06 34.80 -20.22
N MET B 380 -1.52 34.18 -19.18
CA MET B 380 -0.49 33.15 -19.43
C MET B 380 -1.14 31.86 -19.92
N ARG B 381 -2.37 31.57 -19.48
CA ARG B 381 -3.09 30.40 -20.00
C ARG B 381 -3.48 30.62 -21.43
N VAL B 382 -3.86 31.85 -21.75
CA VAL B 382 -4.14 32.24 -23.13
C VAL B 382 -2.89 32.05 -24.02
N HIS B 383 -1.77 32.56 -23.54
CA HIS B 383 -0.50 32.42 -24.27
C HIS B 383 -0.09 30.95 -24.47
N TYR B 384 -0.20 30.16 -23.40
CA TYR B 384 0.12 28.73 -23.52
C TYR B 384 -0.81 28.11 -24.59
N LEU B 385 -2.11 28.39 -24.49
CA LEU B 385 -3.07 27.82 -25.39
C LEU B 385 -2.72 28.14 -26.86
N GLN B 386 -2.53 29.41 -27.15
CA GLN B 386 -2.37 29.76 -28.56
C GLN B 386 -1.01 29.24 -29.10
N THR B 387 0.05 29.30 -28.30
CA THR B 387 1.34 28.82 -28.79
C THR B 387 1.32 27.26 -28.99
N HIS B 388 0.63 26.53 -28.11
CA HIS B 388 0.60 25.08 -28.24
C HIS B 388 -0.30 24.62 -29.37
N ILE B 389 -1.36 25.38 -29.65
CA ILE B 389 -2.18 25.02 -30.81
C ILE B 389 -1.40 25.29 -32.11
N LYS B 390 -0.63 26.37 -32.17
CA LYS B 390 0.23 26.58 -33.34
C LYS B 390 1.26 25.44 -33.49
N ALA B 391 1.80 24.96 -32.36
CA ALA B 391 2.73 23.84 -32.39
C ALA B 391 2.10 22.57 -32.97
N LEU B 392 0.82 22.38 -32.73
CA LEU B 392 0.10 21.27 -33.31
C LEU B 392 0.05 21.41 -34.80
N HIS B 393 -0.21 22.61 -35.26
CA HIS B 393 -0.32 22.82 -36.68
C HIS B 393 1.03 22.56 -37.31
N ASP B 394 2.10 22.93 -36.62
CA ASP B 394 3.44 22.63 -37.11
C ASP B 394 3.66 21.12 -37.30
N ALA B 395 3.16 20.34 -36.35
CA ALA B 395 3.29 18.88 -36.40
C ALA B 395 2.55 18.29 -37.59
N ILE B 396 1.37 18.82 -37.89
CA ILE B 396 0.57 18.35 -39.01
C ILE B 396 1.35 18.61 -40.31
N GLY B 397 2.06 19.74 -40.34
CA GLY B 397 2.85 20.10 -41.50
C GLY B 397 4.03 19.20 -41.69
N LYS B 398 4.43 18.46 -40.66
CA LYS B 398 5.52 17.51 -40.72
C LYS B 398 5.06 16.02 -40.84
N GLY B 399 3.83 15.84 -41.29
CA GLY B 399 3.31 14.52 -41.61
C GLY B 399 2.60 13.75 -40.51
N VAL B 400 2.47 14.34 -39.33
CA VAL B 400 1.85 13.62 -38.23
C VAL B 400 0.35 13.52 -38.51
N ASP B 401 -0.21 12.32 -38.35
CA ASP B 401 -1.63 12.08 -38.64
C ASP B 401 -2.46 12.43 -37.37
N LEU B 402 -2.59 13.71 -37.14
CA LEU B 402 -3.25 14.20 -35.93
C LEU B 402 -4.65 14.60 -36.25
N ARG B 403 -5.61 14.04 -35.53
CA ARG B 403 -7.01 14.23 -35.87
C ARG B 403 -7.88 15.02 -34.92
N GLY B 404 -7.30 15.52 -33.84
CA GLY B 404 -8.07 16.30 -32.89
C GLY B 404 -7.23 16.80 -31.73
N TYR B 405 -7.84 17.69 -30.96
CA TYR B 405 -7.22 18.34 -29.79
C TYR B 405 -8.26 18.55 -28.71
N MET B 406 -7.99 18.06 -27.49
CA MET B 406 -8.87 18.24 -26.35
C MET B 406 -8.14 19.05 -25.28
N ALA B 407 -8.72 20.20 -24.96
CA ALA B 407 -8.14 21.06 -23.92
C ALA B 407 -8.31 20.43 -22.54
N TRP B 408 -7.22 20.33 -21.77
CA TRP B 408 -7.34 19.95 -20.37
C TRP B 408 -7.28 21.30 -19.61
N SER B 409 -8.35 21.71 -18.93
CA SER B 409 -9.58 20.96 -18.72
C SER B 409 -10.76 21.85 -19.03
N LEU B 410 -11.92 21.26 -19.28
CA LEU B 410 -13.14 22.09 -19.40
C LEU B 410 -13.32 22.96 -18.16
N LEU B 411 -13.09 22.39 -16.98
CA LEU B 411 -13.39 23.05 -15.71
C LEU B 411 -12.18 23.02 -14.79
N ASP B 412 -11.97 24.07 -14.00
CA ASP B 412 -11.10 23.93 -12.81
C ASP B 412 -11.57 22.76 -12.00
N ASN B 413 -10.65 21.97 -11.46
CA ASN B 413 -11.10 20.78 -10.79
C ASN B 413 -10.13 20.30 -9.77
N LEU B 414 -10.41 19.13 -9.14
CA LEU B 414 -9.42 18.61 -8.18
C LEU B 414 -8.20 18.01 -8.89
N GLU B 415 -7.06 18.69 -8.78
CA GLU B 415 -5.82 18.18 -9.35
C GLU B 415 -5.21 17.14 -8.44
N TRP B 416 -5.93 16.04 -8.28
CA TRP B 416 -5.47 14.90 -7.46
C TRP B 416 -4.87 15.36 -6.15
N SER B 417 -3.66 14.85 -5.82
N SER B 417 -3.66 14.86 -5.83
CA SER B 417 -3.09 15.12 -4.50
CA SER B 417 -3.06 15.12 -4.52
C SER B 417 -2.72 16.59 -4.30
C SER B 417 -2.66 16.57 -4.32
N LEU B 418 -2.69 17.35 -5.40
CA LEU B 418 -2.42 18.77 -5.29
C LEU B 418 -3.67 19.56 -4.97
N GLY B 419 -4.82 18.92 -4.94
CA GLY B 419 -6.08 19.55 -4.53
C GLY B 419 -6.56 20.61 -5.52
N TYR B 420 -7.36 21.52 -5.02
CA TYR B 420 -7.97 22.56 -5.86
C TYR B 420 -7.02 23.71 -6.14
N SER B 421 -5.81 23.65 -5.57
CA SER B 421 -4.80 24.72 -5.74
C SER B 421 -4.29 24.86 -7.14
N LYS B 422 -4.48 23.86 -7.98
CA LYS B 422 -3.94 23.90 -9.33
C LYS B 422 -5.06 23.96 -10.33
N ARG B 423 -5.32 25.13 -10.89
CA ARG B 423 -6.43 25.31 -11.79
C ARG B 423 -6.05 25.10 -13.25
N PHE B 424 -6.61 24.09 -13.93
CA PHE B 424 -6.36 23.88 -15.36
C PHE B 424 -7.54 24.28 -16.25
N GLY B 425 -8.63 24.78 -15.68
CA GLY B 425 -9.83 25.00 -16.48
C GLY B 425 -9.68 26.13 -17.48
N ILE B 426 -10.34 26.00 -18.63
CA ILE B 426 -10.64 27.13 -19.48
C ILE B 426 -11.96 27.78 -19.06
N VAL B 427 -12.67 27.13 -18.17
CA VAL B 427 -13.80 27.69 -17.45
C VAL B 427 -13.50 27.67 -15.97
N HIS B 428 -13.61 28.81 -15.31
CA HIS B 428 -13.38 28.90 -13.85
C HIS B 428 -14.53 28.30 -13.05
N VAL B 429 -14.21 27.59 -11.99
CA VAL B 429 -15.21 27.16 -11.03
C VAL B 429 -14.94 27.81 -9.68
N ASN B 430 -15.94 28.52 -9.18
CA ASN B 430 -15.92 28.98 -7.82
C ASN B 430 -16.33 27.80 -6.93
N PHE B 431 -15.39 27.24 -6.18
CA PHE B 431 -15.70 26.03 -5.47
C PHE B 431 -16.63 26.25 -4.28
N ALA B 432 -16.77 27.50 -3.85
CA ALA B 432 -17.71 27.84 -2.75
C ALA B 432 -19.15 27.93 -3.26
N THR B 433 -19.36 28.54 -4.42
CA THR B 433 -20.71 28.78 -4.93
C THR B 433 -21.08 27.84 -6.08
N GLN B 434 -20.08 27.20 -6.67
CA GLN B 434 -20.16 26.41 -7.89
C GLN B 434 -20.48 27.19 -9.12
N GLU B 435 -20.36 28.51 -9.04
CA GLU B 435 -20.55 29.32 -10.23
C GLU B 435 -19.47 29.02 -11.24
N ARG B 436 -19.82 28.92 -12.52
CA ARG B 436 -18.87 28.78 -13.61
C ARG B 436 -18.68 30.10 -14.32
N THR B 437 -17.45 30.45 -14.62
CA THR B 437 -17.13 31.66 -15.38
C THR B 437 -16.17 31.35 -16.50
N ILE B 438 -16.52 31.62 -17.76
CA ILE B 438 -15.58 31.30 -18.86
C ILE B 438 -14.37 32.23 -18.78
N LYS B 439 -13.16 31.67 -18.71
CA LYS B 439 -11.94 32.48 -18.66
C LYS B 439 -11.60 33.07 -20.01
N ASP B 440 -10.67 34.01 -20.04
CA ASP B 440 -10.21 34.52 -21.35
C ASP B 440 -9.64 33.41 -22.22
N SER B 441 -9.02 32.40 -21.60
CA SER B 441 -8.52 31.27 -22.38
C SER B 441 -9.66 30.53 -23.07
N GLY B 442 -10.76 30.33 -22.34
CA GLY B 442 -11.92 29.68 -22.93
C GLY B 442 -12.53 30.52 -24.05
N LEU B 443 -12.55 31.82 -23.84
CA LEU B 443 -13.11 32.72 -24.89
C LEU B 443 -12.31 32.62 -26.17
N LEU B 444 -10.98 32.59 -26.05
CA LEU B 444 -10.11 32.42 -27.20
C LEU B 444 -10.33 31.06 -27.84
N TYR B 445 -10.39 30.01 -27.02
CA TYR B 445 -10.53 28.66 -27.54
C TYR B 445 -11.81 28.53 -28.37
N ALA B 446 -12.90 29.12 -27.89
CA ALA B 446 -14.16 29.07 -28.62
C ALA B 446 -13.98 29.68 -30.02
N GLU B 447 -13.16 30.70 -30.12
CA GLU B 447 -12.92 31.38 -31.41
C GLU B 447 -11.97 30.57 -32.28
N VAL B 448 -11.00 29.86 -31.66
CA VAL B 448 -10.14 28.97 -32.42
C VAL B 448 -11.03 27.90 -33.11
N ILE B 449 -11.99 27.35 -32.37
CA ILE B 449 -12.87 26.30 -32.89
C ILE B 449 -13.71 26.90 -34.02
N LYS B 450 -14.34 28.03 -33.75
CA LYS B 450 -15.23 28.66 -34.76
C LYS B 450 -14.52 28.96 -36.07
N THR B 451 -13.28 29.39 -36.00
CA THR B 451 -12.49 29.74 -37.17
C THR B 451 -11.61 28.61 -37.67
N HIS B 452 -11.73 27.45 -37.02
CA HIS B 452 -10.92 26.28 -37.33
C HIS B 452 -9.43 26.64 -37.41
N GLY B 453 -9.01 27.53 -36.52
CA GLY B 453 -7.63 27.92 -36.41
C GLY B 453 -7.25 29.28 -37.00
N ASP B 454 -8.08 29.79 -37.90
CA ASP B 454 -7.73 31.02 -38.59
C ASP B 454 -7.54 32.23 -37.66
N VAL B 455 -8.19 32.22 -36.51
CA VAL B 455 -8.02 33.30 -35.57
C VAL B 455 -6.56 33.45 -35.17
N LEU B 456 -5.78 32.38 -35.31
CA LEU B 456 -4.38 32.43 -34.89
C LEU B 456 -3.46 33.08 -35.91
N ASN B 457 -3.93 33.24 -37.12
CA ASN B 457 -3.12 33.80 -38.23
C ASN B 457 -2.55 35.18 -37.87
N THR B 458 -3.38 35.98 -37.23
CA THR B 458 -3.14 37.40 -37.08
C THR B 458 -3.97 37.90 -35.88
C1 PPI C . -13.71 -7.73 4.01
C2 PPI C . -13.78 -7.96 5.50
C3 PPI C . -13.99 -9.40 5.63
O1 PPI C . -12.59 -7.94 3.39
O2 PPI C . -14.84 -7.51 3.46
C2 BGC D . 7.54 -9.05 18.11
C3 BGC D . 8.97 -9.22 17.72
C4 BGC D . 9.75 -7.93 17.94
C5 BGC D . 9.57 -7.49 19.38
C6 BGC D . 10.24 -6.19 19.78
C1 BGC D . 7.51 -8.55 19.54
O1 BGC D . 6.20 -8.43 19.94
O2 BGC D . 6.78 -10.25 18.00
O3 BGC D . 9.02 -9.67 16.33
O4 BGC D . 11.07 -8.08 17.58
O5 BGC D . 8.13 -7.27 19.57
O6 BGC D . 9.73 -5.14 19.01
C1 GOL E . 11.22 12.68 -27.50
O1 GOL E . 10.84 11.52 -26.72
C2 GOL E . 12.72 12.92 -27.75
O2 GOL E . 12.98 12.80 -29.13
C3 GOL E . 13.14 14.33 -27.39
O3 GOL E . 14.55 14.43 -27.26
C1 PPI F . 1.42 -10.71 -12.55
C2 PPI F . 1.76 -10.03 -13.87
C3 PPI F . 0.73 -10.49 -14.74
O1 PPI F . 1.90 -11.86 -12.36
O2 PPI F . 0.54 -10.15 -11.75
C2 BGC G . -4.32 13.73 -16.40
C3 BGC G . -5.22 14.68 -15.69
C4 BGC G . -4.46 15.68 -14.91
C5 BGC G . -3.48 16.41 -15.82
C6 BGC G . -2.62 17.40 -15.11
C1 BGC G . -3.30 14.51 -17.21
O1 BGC G . -2.49 13.56 -17.85
O2 BGC G . -5.00 12.85 -17.27
O3 BGC G . -6.10 13.89 -14.83
O4 BGC G . -5.28 16.57 -14.17
O5 BGC G . -2.59 15.41 -16.39
O6 BGC G . -1.78 16.76 -14.16
#